data_5UI5
#
_entry.id   5UI5
#
_cell.length_a   99.921
_cell.length_b   99.921
_cell.length_c   123.300
_cell.angle_alpha   90.00
_cell.angle_beta   90.00
_cell.angle_gamma   120.00
#
_symmetry.space_group_name_H-M   'P 32'
#
loop_
_entity.id
_entity.type
_entity.pdbx_description
1 polymer 'DNA (31-MER)'
2 polymer 'DNA (30-MER)'
3 polymer 'RNA polymerase sigma factor RpoN'
4 water water
#
loop_
_entity_poly.entity_id
_entity_poly.type
_entity_poly.pdbx_seq_one_letter_code
_entity_poly.pdbx_strand_id
1 'polydeoxyribonucleotide'
;(DG)(DC)(DG)(DA)(DA)(DA)(DT)(DT)(DG)(DG)(DC)(DA)(DC)(DG)(DA)(DA)(DA)(DA)(DT)(DT)
(DG)(DC)(DA)(DA)(DT)(DA)(DA)(DA)(DT)(DA)(DG)
;
A,N
2 'polydeoxyribonucleotide'
;(DG)(DC)(DT)(DA)(DT)(DT)(DT)(DA)(DT)(DT)(DG)(DC)(DA)(DA)(DT)(DT)(DT)(DT)(DC)(DG)
(DT)(DG)(DC)(DC)(DA)(DA)(DT)(DT)(DT)(DC)(DG)
;
B,O
3 'polypeptide(L)'
;GPHMETVPYQIPYTPSELEELQQNIKLELEGKEQELALELLNYLNEKGFLSKSVEEISDVLRCSVEELEKVRQKVLRLEP
LGVCSKDVWEFLELQIEEIYPEEEEILKKALRDLKRGKKLKPEIKGKLSRLRLFPLSSSAEKVYTFAKVDAIIEEENGEF
FIYLYEDFIDIDLNEEYWELYKKSRNLQKELKEAFERYESIRKVLDIRRRNLRKVLEKIVERQKDFLTGKGSLKPLTLRE
VSSEIGIHESTLSRIVNSKYVKTPVGTYSLRTFFVRESAEGLTQGELMKLIKEIVENEDKRKPYSDQEIANILKEKGFKV
ARRTVAKYREMLGIPSSRERRI
;
I,V
#
loop_
_chem_comp.id
_chem_comp.type
_chem_comp.name
_chem_comp.formula
DA DNA linking 2'-DEOXYADENOSINE-5'-MONOPHOSPHATE 'C10 H14 N5 O6 P'
DC DNA linking 2'-DEOXYCYTIDINE-5'-MONOPHOSPHATE 'C9 H14 N3 O7 P'
DG DNA linking 2'-DEOXYGUANOSINE-5'-MONOPHOSPHATE 'C10 H14 N5 O7 P'
DT DNA linking THYMIDINE-5'-MONOPHOSPHATE 'C10 H15 N2 O8 P'
#
# COMPACT_ATOMS: atom_id res chain seq x y z
N GLU C 17 35.87 -3.01 -7.26
CA GLU C 17 36.71 -3.54 -6.19
C GLU C 17 38.00 -2.75 -6.09
N LEU C 18 39.06 -3.40 -5.59
CA LEU C 18 40.36 -2.77 -5.51
C LEU C 18 40.93 -2.50 -6.90
N GLU C 19 40.64 -3.38 -7.86
CA GLU C 19 41.08 -3.18 -9.23
C GLU C 19 40.53 -1.87 -9.79
N GLU C 20 39.31 -1.51 -9.41
CA GLU C 20 38.74 -0.24 -9.85
C GLU C 20 39.54 0.95 -9.33
N LEU C 21 39.92 0.91 -8.05
CA LEU C 21 40.66 2.02 -7.46
C LEU C 21 42.07 2.13 -8.03
N GLN C 22 42.77 1.00 -8.14
CA GLN C 22 44.16 1.03 -8.61
C GLN C 22 44.28 1.67 -9.99
N GLN C 23 43.33 1.39 -10.89
CA GLN C 23 43.43 1.94 -12.24
C GLN C 23 43.22 3.44 -12.26
N ASN C 24 42.28 3.94 -11.45
CA ASN C 24 42.06 5.38 -11.37
C ASN C 24 43.20 6.11 -10.68
N ILE C 25 43.99 5.40 -9.87
CA ILE C 25 45.08 6.03 -9.13
C ILE C 25 46.09 6.68 -10.06
N LYS C 26 46.42 6.00 -11.17
CA LYS C 26 47.45 6.49 -12.06
C LYS C 26 47.02 7.70 -12.88
N LEU C 27 45.71 7.90 -13.07
CA LEU C 27 45.24 8.95 -13.97
C LEU C 27 45.67 10.34 -13.47
N GLU C 28 45.24 10.71 -12.26
CA GLU C 28 45.51 12.03 -11.71
C GLU C 28 46.70 12.06 -10.77
N LEU C 29 47.32 10.94 -10.48
CA LEU C 29 48.43 10.86 -9.54
C LEU C 29 49.72 10.53 -10.27
N GLU C 30 50.79 11.25 -9.94
CA GLU C 30 52.10 11.04 -10.54
C GLU C 30 53.17 11.22 -9.47
N GLY C 31 54.28 10.51 -9.65
CA GLY C 31 55.36 10.58 -8.68
C GLY C 31 55.14 9.63 -7.51
N LYS C 32 55.62 10.05 -6.34
CA LYS C 32 55.47 9.23 -5.14
C LYS C 32 54.00 8.92 -4.86
N GLU C 33 53.10 9.85 -5.19
CA GLU C 33 51.69 9.66 -4.87
C GLU C 33 51.15 8.38 -5.51
N GLN C 34 51.54 8.10 -6.75
CA GLN C 34 51.12 6.85 -7.39
C GLN C 34 51.85 5.65 -6.81
N GLU C 35 53.15 5.75 -6.61
CA GLU C 35 53.91 4.67 -6.01
C GLU C 35 53.48 4.43 -4.56
N LEU C 36 53.16 5.51 -3.84
CA LEU C 36 52.74 5.37 -2.45
C LEU C 36 51.33 4.80 -2.34
N ALA C 37 50.42 5.28 -3.19
CA ALA C 37 49.01 4.90 -3.05
C ALA C 37 48.81 3.41 -3.27
N LEU C 38 49.48 2.82 -4.26
CA LEU C 38 49.30 1.41 -4.53
C LEU C 38 49.74 0.57 -3.33
N GLU C 39 50.93 0.85 -2.82
CA GLU C 39 51.40 0.22 -1.60
C GLU C 39 50.69 0.78 -0.37
N LEU C 40 50.01 1.92 -0.51
CA LEU C 40 49.43 2.57 0.67
C LEU C 40 48.31 1.73 1.25
N LEU C 41 47.41 1.21 0.42
CA LEU C 41 46.38 0.31 0.93
C LEU C 41 46.82 -1.12 0.66
N ASN C 42 47.57 -1.68 1.61
CA ASN C 42 47.55 -3.09 1.96
C ASN C 42 46.93 -3.29 3.32
N TYR C 43 46.43 -2.21 3.92
CA TYR C 43 45.85 -2.23 5.26
C TYR C 43 44.37 -1.90 5.16
N LEU C 44 43.53 -2.92 5.39
CA LEU C 44 42.10 -2.64 5.47
C LEU C 44 41.40 -3.81 6.14
N ASN C 45 40.24 -3.51 6.68
CA ASN C 45 39.23 -4.49 7.03
C ASN C 45 38.31 -4.62 5.83
N GLU C 46 37.75 -5.81 5.62
CA GLU C 46 36.93 -5.97 4.42
C GLU C 46 35.81 -4.94 4.38
N LYS C 47 35.56 -4.25 5.51
CA LYS C 47 34.66 -3.11 5.54
C LYS C 47 35.26 -1.89 4.83
N GLY C 48 36.54 -1.95 4.45
CA GLY C 48 37.16 -0.91 3.64
C GLY C 48 38.17 -0.02 4.34
N PHE C 49 38.32 -0.11 5.66
CA PHE C 49 39.24 0.76 6.37
C PHE C 49 40.37 -0.03 7.02
N LEU C 50 41.49 0.66 7.23
CA LEU C 50 42.71 0.06 7.72
C LEU C 50 42.73 -0.09 9.23
N SER C 51 43.37 -1.16 9.70
CA SER C 51 43.58 -1.39 11.13
C SER C 51 44.78 -0.62 11.68
N LYS C 52 45.69 -0.19 10.81
CA LYS C 52 46.90 0.49 11.25
C LYS C 52 46.74 2.00 11.23
N SER C 53 47.46 2.67 12.11
CA SER C 53 47.47 4.12 12.18
C SER C 53 48.51 4.70 11.21
N VAL C 54 48.35 5.98 10.92
CA VAL C 54 49.34 6.67 10.09
C VAL C 54 50.71 6.62 10.74
N GLU C 55 50.75 6.66 12.08
CA GLU C 55 52.01 6.53 12.79
C GLU C 55 52.78 5.28 12.34
N GLU C 56 52.08 4.14 12.26
CA GLU C 56 52.72 2.91 11.84
C GLU C 56 52.91 2.83 10.33
N ILE C 57 52.02 3.45 9.56
CA ILE C 57 52.14 3.36 8.11
C ILE C 57 53.33 4.16 7.61
N SER C 58 53.74 5.19 8.36
CA SER C 58 54.87 6.01 7.94
C SER C 58 56.17 5.23 8.03
N ASP C 59 56.40 4.55 9.15
CA ASP C 59 57.67 3.89 9.40
C ASP C 59 57.92 2.69 8.49
N VAL C 60 56.86 2.11 7.92
CA VAL C 60 57.02 0.87 7.15
C VAL C 60 57.57 1.14 5.77
N LEU C 61 57.06 2.16 5.08
CA LEU C 61 57.44 2.46 3.71
C LEU C 61 58.59 3.46 3.63
N ARG C 62 59.15 3.86 4.77
CA ARG C 62 60.25 4.82 4.82
C ARG C 62 59.82 6.19 4.28
N CYS C 63 58.65 6.63 4.73
CA CYS C 63 58.12 7.94 4.38
C CYS C 63 57.60 8.62 5.64
N SER C 64 57.59 9.95 5.62
CA SER C 64 57.16 10.71 6.78
C SER C 64 55.63 10.65 6.92
N VAL C 65 55.15 11.20 8.03
CA VAL C 65 53.71 11.29 8.26
C VAL C 65 53.08 12.49 7.56
N GLU C 66 53.90 13.42 7.08
CA GLU C 66 53.37 14.55 6.32
C GLU C 66 52.93 14.09 4.93
N GLU C 67 53.67 13.16 4.33
CA GLU C 67 53.32 12.68 2.99
C GLU C 67 52.09 11.77 3.05
N LEU C 68 52.09 10.83 3.98
CA LEU C 68 51.00 9.85 4.05
C LEU C 68 49.67 10.53 4.37
N GLU C 69 49.63 11.29 5.47
CA GLU C 69 48.39 11.95 5.86
C GLU C 69 47.93 12.96 4.81
N LYS C 70 48.87 13.50 4.02
CA LYS C 70 48.50 14.43 2.96
C LYS C 70 47.83 13.71 1.79
N VAL C 71 48.36 12.54 1.40
CA VAL C 71 47.84 11.85 0.23
C VAL C 71 46.55 11.12 0.55
N ARG C 72 46.43 10.56 1.76
CA ARG C 72 45.24 9.80 2.09
C ARG C 72 43.98 10.64 1.97
N GLN C 73 44.06 11.93 2.34
CA GLN C 73 42.90 12.79 2.21
C GLN C 73 42.48 12.95 0.75
N LYS C 74 43.44 12.86 -0.17
CA LYS C 74 43.10 12.92 -1.59
C LYS C 74 42.62 11.58 -2.13
N VAL C 75 43.10 10.47 -1.56
CA VAL C 75 42.78 9.16 -2.11
C VAL C 75 41.30 8.86 -1.90
N LEU C 76 40.74 9.27 -0.76
CA LEU C 76 39.31 9.08 -0.54
C LEU C 76 38.47 9.89 -1.51
N ARG C 77 39.07 10.90 -2.14
CA ARG C 77 38.36 11.77 -3.07
C ARG C 77 38.20 11.15 -4.45
N LEU C 78 38.78 9.98 -4.68
CA LEU C 78 38.65 9.26 -5.94
C LEU C 78 37.63 8.13 -5.80
N GLU C 79 36.72 8.03 -6.76
CA GLU C 79 35.71 6.97 -6.76
C GLU C 79 36.40 5.61 -6.88
N PRO C 80 35.97 4.63 -6.06
CA PRO C 80 34.93 4.75 -5.03
C PRO C 80 35.35 5.57 -3.82
N LEU C 81 34.41 6.39 -3.32
CA LEU C 81 34.72 7.35 -2.28
C LEU C 81 35.00 6.69 -0.93
N GLY C 82 35.81 7.37 -0.12
CA GLY C 82 35.95 7.05 1.29
C GLY C 82 36.59 5.72 1.62
N VAL C 83 37.52 5.26 0.79
CA VAL C 83 38.15 3.96 0.98
C VAL C 83 38.91 3.90 2.31
N CYS C 84 39.99 4.67 2.43
CA CYS C 84 40.97 4.41 3.49
C CYS C 84 40.49 4.88 4.86
N SER C 85 39.58 5.86 4.92
CA SER C 85 39.25 6.50 6.18
C SER C 85 38.90 5.47 7.25
N LYS C 86 39.56 5.59 8.41
CA LYS C 86 39.40 4.60 9.47
C LYS C 86 38.04 4.70 10.13
N ASP C 87 37.67 5.89 10.58
CA ASP C 87 36.40 6.06 11.27
C ASP C 87 35.22 5.95 10.32
N VAL C 88 34.12 5.40 10.82
CA VAL C 88 32.84 5.53 10.12
C VAL C 88 32.50 7.01 9.95
N TRP C 89 32.80 7.82 10.97
CA TRP C 89 32.44 9.23 10.93
C TRP C 89 33.24 9.98 9.87
N GLU C 90 34.51 9.63 9.70
CA GLU C 90 35.28 10.23 8.60
C GLU C 90 34.66 9.88 7.26
N PHE C 91 34.18 8.65 7.12
CA PHE C 91 33.48 8.27 5.90
C PHE C 91 32.20 9.08 5.74
N LEU C 92 31.41 9.17 6.81
CA LEU C 92 30.19 9.96 6.78
C LEU C 92 30.49 11.45 6.65
N GLU C 93 31.51 11.93 7.38
CA GLU C 93 31.88 13.35 7.28
C GLU C 93 32.35 13.70 5.88
N LEU C 94 33.12 12.81 5.25
CA LEU C 94 33.59 13.05 3.89
C LEU C 94 32.44 12.95 2.89
N GLN C 95 31.48 12.06 3.14
CA GLN C 95 30.32 11.95 2.26
C GLN C 95 29.52 13.25 2.23
N ILE C 96 29.37 13.91 3.38
CA ILE C 96 28.63 15.16 3.42
C ILE C 96 29.40 16.28 2.72
N GLU C 97 30.72 16.34 2.93
CA GLU C 97 31.53 17.38 2.31
C GLU C 97 31.63 17.16 0.80
N GLU C 98 32.02 15.96 0.39
CA GLU C 98 32.30 15.64 -1.01
C GLU C 98 31.05 15.43 -1.86
N ILE C 99 29.92 15.10 -1.26
CA ILE C 99 28.70 14.72 -1.98
C ILE C 99 27.60 15.77 -1.81
N TYR C 100 27.20 16.05 -0.56
CA TYR C 100 26.04 16.87 -0.26
C TYR C 100 26.45 18.17 0.42
N PRO C 101 27.20 19.03 -0.26
CA PRO C 101 27.59 20.31 0.35
C PRO C 101 26.44 21.27 0.54
N GLU C 102 25.38 21.17 -0.28
CA GLU C 102 24.26 22.10 -0.14
C GLU C 102 23.63 21.99 1.24
N GLU C 103 23.37 20.77 1.69
CA GLU C 103 22.80 20.50 3.00
C GLU C 103 23.88 20.19 4.04
N GLU C 104 25.16 20.30 3.67
CA GLU C 104 26.25 19.83 4.53
C GLU C 104 26.15 20.42 5.93
N GLU C 105 25.64 21.64 6.06
CA GLU C 105 25.53 22.24 7.39
C GLU C 105 24.63 21.40 8.29
N ILE C 106 23.44 21.06 7.78
CA ILE C 106 22.48 20.29 8.57
C ILE C 106 22.97 18.86 8.79
N LEU C 107 23.49 18.24 7.74
CA LEU C 107 23.86 16.82 7.82
C LEU C 107 24.94 16.58 8.87
N LYS C 108 26.02 17.38 8.83
CA LYS C 108 27.06 17.23 9.83
C LYS C 108 26.50 17.37 11.24
N LYS C 109 25.51 18.26 11.39
CA LYS C 109 24.89 18.47 12.69
C LYS C 109 24.15 17.23 13.18
N ALA C 110 23.63 16.41 12.26
CA ALA C 110 22.90 15.21 12.66
C ALA C 110 23.84 14.15 13.21
N LEU C 111 25.09 14.10 12.74
CA LEU C 111 26.01 13.08 13.22
C LEU C 111 26.43 13.31 14.66
N ARG C 112 26.72 14.56 15.03
CA ARG C 112 27.28 14.81 16.36
C ARG C 112 26.27 14.44 17.45
N ASP C 113 25.05 14.99 17.36
CA ASP C 113 24.04 14.68 18.37
C ASP C 113 23.70 13.20 18.36
N LEU C 114 23.81 12.54 17.22
CA LEU C 114 23.58 11.10 17.16
C LEU C 114 24.63 10.32 17.96
N LYS C 115 25.89 10.75 17.88
CA LYS C 115 26.95 10.06 18.62
C LYS C 115 26.69 10.11 20.12
N ARG C 116 26.46 11.31 20.67
CA ARG C 116 26.12 11.44 22.07
C ARG C 116 24.81 10.76 22.41
N GLY C 117 24.04 10.35 21.40
CA GLY C 117 22.69 9.85 21.58
C GLY C 117 21.70 10.97 21.39
N LYS C 118 20.55 10.66 20.79
CA LYS C 118 19.54 11.67 20.50
C LYS C 118 18.41 11.09 19.67
N LYS C 119 17.37 11.88 19.42
CA LYS C 119 16.30 11.49 18.54
C LYS C 119 16.51 12.15 17.18
N LEU C 120 15.64 11.85 16.23
CA LEU C 120 15.77 12.45 14.92
C LEU C 120 14.38 12.69 14.33
N LYS C 121 14.27 13.76 13.57
CA LYS C 121 13.02 14.06 12.88
C LYS C 121 12.84 13.11 11.71
N PRO C 122 11.59 12.89 11.28
CA PRO C 122 11.38 11.98 10.15
C PRO C 122 12.08 12.46 8.89
N GLU C 123 12.24 13.77 8.73
CA GLU C 123 13.01 14.29 7.60
C GLU C 123 14.50 14.11 7.82
N ILE C 124 14.98 14.32 9.04
CA ILE C 124 16.41 14.16 9.32
C ILE C 124 16.82 12.69 9.20
N LYS C 125 15.94 11.76 9.57
CA LYS C 125 16.26 10.36 9.40
C LYS C 125 16.33 9.99 7.92
N GLY C 126 15.41 10.54 7.12
CA GLY C 126 15.42 10.25 5.70
C GLY C 126 16.57 10.92 4.96
N LYS C 127 16.92 12.14 5.38
CA LYS C 127 18.07 12.80 4.79
C LYS C 127 19.35 12.00 5.01
N LEU C 128 19.47 11.31 6.15
CA LEU C 128 20.65 10.52 6.45
C LEU C 128 20.64 9.15 5.77
N SER C 129 19.52 8.76 5.16
CA SER C 129 19.46 7.46 4.49
C SER C 129 20.34 7.41 3.25
N ARG C 130 20.64 8.57 2.66
CA ARG C 130 21.46 8.58 1.46
C ARG C 130 22.91 8.21 1.74
N LEU C 131 23.36 8.40 2.98
CA LEU C 131 24.73 8.08 3.34
C LEU C 131 24.92 6.58 3.46
N ARG C 132 26.17 6.14 3.29
CA ARG C 132 26.54 4.73 3.37
C ARG C 132 27.56 4.55 4.47
N LEU C 133 27.44 3.45 5.23
CA LEU C 133 28.33 3.23 6.36
C LEU C 133 29.73 2.83 5.88
N PHE C 134 29.82 1.91 4.92
CA PHE C 134 31.12 1.40 4.48
C PHE C 134 30.95 0.41 3.34
N PRO C 135 31.88 0.39 2.37
CA PRO C 135 31.82 -0.49 1.20
C PRO C 135 31.94 -1.97 1.60
N SER C 139 27.27 -5.13 0.00
CA SER C 139 27.16 -4.14 -1.06
C SER C 139 26.09 -3.09 -0.73
N ALA C 140 25.02 -3.54 -0.07
CA ALA C 140 23.84 -2.73 0.18
C ALA C 140 23.90 -1.97 1.51
N GLU C 141 25.04 -1.95 2.18
CA GLU C 141 25.10 -1.31 3.49
C GLU C 141 24.70 0.16 3.41
N LYS C 142 23.79 0.56 4.30
CA LYS C 142 23.35 1.94 4.43
C LYS C 142 22.95 2.20 5.87
N VAL C 143 23.11 3.46 6.31
CA VAL C 143 22.91 3.79 7.71
C VAL C 143 21.46 3.60 8.11
N TYR C 144 20.52 4.17 7.33
CA TYR C 144 19.12 4.14 7.71
C TYR C 144 18.26 3.62 6.56
N THR C 145 17.37 2.69 6.88
CA THR C 145 16.38 2.17 5.95
C THR C 145 15.00 2.37 6.58
N PHE C 146 14.06 2.90 5.80
CA PHE C 146 12.77 3.30 6.35
C PHE C 146 11.91 2.09 6.71
N ALA C 147 11.32 2.12 7.90
CA ALA C 147 10.28 1.16 8.25
C ALA C 147 8.99 1.46 7.51
N LYS C 148 8.72 2.73 7.24
CA LYS C 148 7.53 3.16 6.53
C LYS C 148 7.93 3.84 5.23
N VAL C 149 7.12 3.66 4.19
CA VAL C 149 7.33 4.30 2.90
C VAL C 149 6.00 4.85 2.44
N ASP C 150 5.99 6.13 2.05
CA ASP C 150 4.76 6.86 1.81
C ASP C 150 4.15 6.59 0.44
N ALA C 151 4.84 5.84 -0.41
CA ALA C 151 4.30 5.40 -1.70
C ALA C 151 5.28 4.37 -2.26
N ILE C 152 4.94 3.83 -3.42
CA ILE C 152 5.86 2.94 -4.13
C ILE C 152 5.59 3.06 -5.61
N ILE C 153 6.63 2.84 -6.40
CA ILE C 153 6.58 2.96 -7.85
C ILE C 153 7.47 1.87 -8.42
N GLU C 154 7.06 1.30 -9.55
CA GLU C 154 7.87 0.27 -10.17
C GLU C 154 7.46 0.12 -11.62
N GLU C 155 8.38 -0.46 -12.38
CA GLU C 155 8.16 -0.77 -13.78
C GLU C 155 8.79 -2.12 -14.07
N GLU C 156 8.08 -2.92 -14.82
CA GLU C 156 8.69 -3.97 -15.61
C GLU C 156 9.27 -3.32 -16.86
N ASN C 157 9.62 -4.10 -17.87
CA ASN C 157 9.52 -3.52 -19.20
C ASN C 157 8.10 -3.02 -19.38
N GLY C 158 7.16 -3.68 -18.71
CA GLY C 158 5.81 -3.15 -18.54
C GLY C 158 5.80 -1.89 -17.69
N GLU C 159 4.91 -0.98 -18.03
CA GLU C 159 4.88 0.31 -17.36
C GLU C 159 3.48 0.64 -16.84
N PHE C 160 3.36 1.51 -15.85
CA PHE C 160 4.37 1.82 -14.84
C PHE C 160 3.50 1.94 -13.59
N PHE C 161 3.78 1.16 -12.55
CA PHE C 161 2.84 1.01 -11.45
C PHE C 161 3.17 1.97 -10.32
N ILE C 162 2.14 2.67 -9.84
CA ILE C 162 2.21 3.49 -8.64
C ILE C 162 1.18 2.93 -7.66
N TYR C 163 1.66 2.30 -6.59
CA TYR C 163 0.83 2.17 -5.41
C TYR C 163 0.87 3.49 -4.66
N LEU C 164 -0.17 3.77 -3.90
CA LEU C 164 -0.07 4.78 -2.88
C LEU C 164 -0.01 4.06 -1.53
N TYR C 165 0.14 4.84 -0.47
CA TYR C 165 0.12 4.27 0.88
C TYR C 165 -1.28 4.38 1.48
N GLU C 166 -1.79 5.60 1.60
CA GLU C 166 -3.07 5.85 2.22
C GLU C 166 -4.22 5.12 1.54
N ASP C 167 -4.01 4.57 0.33
CA ASP C 167 -5.06 3.79 -0.31
C ASP C 167 -5.52 2.63 0.56
N PHE C 168 -4.66 2.16 1.47
CA PHE C 168 -4.99 1.10 2.41
C PHE C 168 -5.54 1.65 3.72
N ILE C 169 -5.58 2.97 3.88
CA ILE C 169 -5.87 3.62 5.15
C ILE C 169 -7.26 4.22 5.12
N ASP C 170 -7.94 4.18 6.27
CA ASP C 170 -9.26 4.77 6.44
C ASP C 170 -9.33 5.29 7.86
N ILE C 171 -10.37 6.10 8.13
CA ILE C 171 -10.51 6.71 9.45
C ILE C 171 -10.54 5.62 10.51
N ASP C 172 -9.68 5.76 11.52
CA ASP C 172 -9.69 4.88 12.68
C ASP C 172 -10.80 5.34 13.61
N LEU C 173 -11.75 4.46 13.90
CA LEU C 173 -12.88 4.86 14.73
C LEU C 173 -12.40 5.11 16.15
N ASN C 174 -12.60 6.33 16.64
CA ASN C 174 -12.11 6.73 17.94
C ASN C 174 -13.05 6.23 19.05
N GLU C 175 -12.62 6.43 20.29
CA GLU C 175 -13.37 5.93 21.43
C GLU C 175 -14.76 6.54 21.50
N GLU C 176 -14.95 7.75 20.99
CA GLU C 176 -16.25 8.40 21.07
C GLU C 176 -17.31 7.64 20.28
N TYR C 177 -16.97 7.19 19.06
CA TYR C 177 -17.95 6.48 18.25
C TYR C 177 -18.30 5.12 18.85
N TRP C 178 -17.28 4.37 19.30
CA TRP C 178 -17.52 3.07 19.89
C TRP C 178 -18.36 3.17 21.15
N GLU C 179 -18.08 4.16 22.00
CA GLU C 179 -18.77 4.30 23.27
C GLU C 179 -20.11 5.00 23.17
N LEU C 180 -20.42 5.62 22.02
CA LEU C 180 -21.68 6.34 21.90
C LEU C 180 -22.89 5.45 22.11
N TYR C 181 -22.73 4.13 21.98
CA TYR C 181 -23.84 3.21 22.18
C TYR C 181 -24.29 3.14 23.63
N LYS C 182 -23.51 3.71 24.56
CA LYS C 182 -23.90 3.75 25.95
C LYS C 182 -25.12 4.65 26.12
N ASN C 186 -32.15 9.09 21.06
CA ASN C 186 -31.84 9.88 19.88
C ASN C 186 -30.60 9.35 19.18
N LEU C 187 -30.45 8.01 19.19
CA LEU C 187 -29.28 7.40 18.58
C LEU C 187 -29.32 7.53 17.06
N GLN C 188 -30.50 7.39 16.46
CA GLN C 188 -30.61 7.53 15.00
C GLN C 188 -29.96 8.81 14.51
N LYS C 189 -30.12 9.91 15.26
CA LYS C 189 -29.45 11.15 14.89
C LYS C 189 -27.96 11.11 15.21
N GLU C 190 -27.57 10.37 16.24
CA GLU C 190 -26.18 10.40 16.69
C GLU C 190 -25.25 9.81 15.63
N LEU C 191 -25.61 8.65 15.08
CA LEU C 191 -24.77 8.05 14.04
C LEU C 191 -24.74 8.92 12.79
N LYS C 192 -25.85 9.60 12.50
CA LYS C 192 -25.89 10.54 11.38
C LYS C 192 -24.76 11.56 11.47
N GLU C 193 -24.64 12.22 12.63
CA GLU C 193 -23.62 13.26 12.79
C GLU C 193 -22.21 12.68 12.67
N ALA C 194 -21.98 11.50 13.26
CA ALA C 194 -20.65 10.90 13.18
C ALA C 194 -20.28 10.62 11.73
N PHE C 195 -21.22 10.10 10.94
CA PHE C 195 -20.93 9.86 9.53
C PHE C 195 -20.77 11.18 8.79
N GLU C 196 -21.46 12.24 9.24
CA GLU C 196 -21.31 13.54 8.59
C GLU C 196 -19.86 14.03 8.68
N ARG C 197 -19.27 13.97 9.87
CA ARG C 197 -17.88 14.42 10.02
C ARG C 197 -16.92 13.46 9.33
N TYR C 198 -17.16 12.15 9.42
CA TYR C 198 -16.25 11.17 8.84
C TYR C 198 -16.20 11.28 7.32
N GLU C 199 -17.36 11.21 6.67
CA GLU C 199 -17.38 11.27 5.21
C GLU C 199 -16.80 12.57 4.67
N SER C 200 -16.78 13.63 5.48
CA SER C 200 -16.14 14.87 5.06
C SER C 200 -14.62 14.73 5.07
N ILE C 201 -14.07 14.20 6.17
CA ILE C 201 -12.62 14.04 6.25
C ILE C 201 -12.15 12.90 5.35
N ARG C 202 -12.99 11.89 5.13
CA ARG C 202 -12.62 10.82 4.21
C ARG C 202 -12.49 11.34 2.78
N LYS C 203 -13.25 12.38 2.43
CA LYS C 203 -13.17 12.98 1.10
C LYS C 203 -11.91 13.83 0.94
N VAL C 204 -11.55 14.61 1.96
CA VAL C 204 -10.36 15.45 1.86
C VAL C 204 -9.10 14.59 1.86
N LEU C 205 -9.08 13.51 2.64
CA LEU C 205 -7.94 12.62 2.62
C LEU C 205 -7.78 11.95 1.25
N ASP C 206 -8.89 11.78 0.52
CA ASP C 206 -8.81 11.23 -0.82
C ASP C 206 -8.14 12.22 -1.77
N ILE C 207 -8.48 13.51 -1.65
CA ILE C 207 -7.85 14.52 -2.49
C ILE C 207 -6.38 14.68 -2.13
N ARG C 208 -6.05 14.53 -0.84
CA ARG C 208 -4.65 14.65 -0.42
C ARG C 208 -3.80 13.52 -1.03
N ARG C 209 -4.33 12.30 -1.04
CA ARG C 209 -3.61 11.19 -1.67
C ARG C 209 -3.74 11.22 -3.19
N ARG C 210 -4.87 11.72 -3.71
CA ARG C 210 -5.00 11.86 -5.16
C ARG C 210 -3.96 12.84 -5.71
N ASN C 211 -3.56 13.83 -4.90
CA ASN C 211 -2.50 14.74 -5.33
C ASN C 211 -1.19 14.00 -5.49
N LEU C 212 -0.92 13.03 -4.61
CA LEU C 212 0.27 12.21 -4.74
C LEU C 212 0.29 11.49 -6.09
N ARG C 213 -0.85 10.90 -6.47
CA ARG C 213 -0.94 10.21 -7.75
C ARG C 213 -0.69 11.16 -8.91
N LYS C 214 -1.21 12.40 -8.81
CA LYS C 214 -1.00 13.38 -9.88
C LYS C 214 0.48 13.70 -10.05
N VAL C 215 1.22 13.80 -8.94
CA VAL C 215 2.64 14.14 -9.01
C VAL C 215 3.43 13.06 -9.73
N LEU C 216 3.33 11.81 -9.24
CA LEU C 216 4.17 10.74 -9.78
C LEU C 216 3.85 10.47 -11.25
N GLU C 217 2.56 10.39 -11.58
CA GLU C 217 2.18 10.19 -12.98
C GLU C 217 2.81 11.24 -13.89
N LYS C 218 3.00 12.46 -13.38
CA LYS C 218 3.66 13.50 -14.14
C LYS C 218 5.17 13.30 -14.20
N ILE C 219 5.79 13.04 -13.04
CA ILE C 219 7.25 12.92 -12.99
C ILE C 219 7.75 11.65 -13.69
N VAL C 220 6.91 10.62 -13.80
CA VAL C 220 7.35 9.39 -14.45
C VAL C 220 7.67 9.65 -15.91
N GLU C 221 6.89 10.53 -16.57
CA GLU C 221 7.11 10.79 -17.99
C GLU C 221 8.54 11.25 -18.25
N ARG C 222 9.04 12.16 -17.41
CA ARG C 222 10.38 12.70 -17.60
C ARG C 222 11.45 11.70 -17.16
N GLN C 223 11.28 11.13 -15.97
CA GLN C 223 12.32 10.40 -15.27
C GLN C 223 12.35 8.90 -15.60
N LYS C 224 11.58 8.45 -16.59
CA LYS C 224 11.46 7.02 -16.86
C LYS C 224 12.83 6.33 -16.84
N ASP C 225 13.81 6.92 -17.52
CA ASP C 225 15.13 6.32 -17.59
C ASP C 225 15.78 6.19 -16.22
N PHE C 226 15.63 7.21 -15.37
CA PHE C 226 16.30 7.21 -14.08
C PHE C 226 15.84 6.03 -13.22
N LEU C 227 14.53 5.85 -13.08
CA LEU C 227 14.02 4.78 -12.22
C LEU C 227 14.35 3.41 -12.79
N THR C 228 14.21 3.25 -14.10
CA THR C 228 14.38 1.93 -14.72
C THR C 228 15.83 1.48 -14.72
N GLY C 229 16.76 2.40 -14.95
CA GLY C 229 17.99 1.99 -15.60
C GLY C 229 18.87 3.11 -16.08
N LYS C 230 19.54 2.87 -17.22
CA LYS C 230 20.69 3.65 -17.67
C LYS C 230 20.50 5.15 -17.59
N GLY C 231 19.27 5.65 -17.66
CA GLY C 231 19.05 7.07 -17.72
C GLY C 231 19.61 7.82 -16.52
N SER C 232 19.76 9.13 -16.69
CA SER C 232 20.16 10.03 -15.63
C SER C 232 19.10 11.11 -15.47
N LEU C 233 19.01 11.67 -14.27
CA LEU C 233 17.90 12.52 -13.90
C LEU C 233 17.70 13.64 -14.92
N LYS C 234 16.46 13.79 -15.38
CA LYS C 234 15.92 14.84 -16.23
C LYS C 234 15.42 16.01 -15.37
N PRO C 235 15.48 17.23 -15.89
CA PRO C 235 15.15 18.39 -15.05
C PRO C 235 13.67 18.44 -14.75
N LEU C 236 13.33 18.85 -13.53
CA LEU C 236 11.96 19.14 -13.15
C LEU C 236 11.91 20.32 -12.20
N THR C 237 10.95 21.21 -12.43
CA THR C 237 10.74 22.40 -11.63
C THR C 237 9.41 22.33 -10.91
N LEU C 238 9.38 22.74 -9.64
CA LEU C 238 8.11 22.83 -8.94
C LEU C 238 7.17 23.79 -9.66
N ARG C 239 7.72 24.89 -10.20
CA ARG C 239 6.90 25.82 -10.96
C ARG C 239 6.32 25.13 -12.19
N GLU C 240 7.09 24.24 -12.81
CA GLU C 240 6.60 23.46 -13.94
C GLU C 240 5.47 22.54 -13.52
N VAL C 241 5.67 21.80 -12.43
CA VAL C 241 4.70 20.81 -12.00
C VAL C 241 3.49 21.47 -11.35
N SER C 242 3.72 22.42 -10.46
CA SER C 242 2.62 23.01 -9.70
C SER C 242 1.69 23.84 -10.57
N SER C 243 2.13 24.23 -11.76
CA SER C 243 1.24 24.87 -12.73
C SER C 243 0.61 23.85 -13.66
N GLU C 244 1.03 22.58 -13.58
CA GLU C 244 0.41 21.51 -14.35
C GLU C 244 -0.89 21.05 -13.71
N ILE C 245 -0.99 21.11 -12.38
CA ILE C 245 -2.15 20.67 -11.65
C ILE C 245 -2.55 21.74 -10.63
N GLY C 246 -3.55 21.41 -9.82
CA GLY C 246 -4.16 22.41 -8.95
C GLY C 246 -3.29 22.91 -7.81
N ILE C 247 -2.35 22.11 -7.34
CA ILE C 247 -1.58 22.50 -6.16
C ILE C 247 -0.63 23.64 -6.50
N HIS C 248 -0.39 24.50 -5.51
CA HIS C 248 0.59 25.56 -5.62
C HIS C 248 1.96 25.05 -5.22
N GLU C 249 2.99 25.72 -5.74
CA GLU C 249 4.36 25.33 -5.41
C GLU C 249 4.61 25.37 -3.90
N SER C 250 3.98 26.32 -3.20
CA SER C 250 4.16 26.43 -1.76
C SER C 250 3.69 25.16 -1.05
N THR C 251 2.54 24.63 -1.46
CA THR C 251 2.04 23.39 -0.87
C THR C 251 2.73 22.16 -1.47
N LEU C 252 3.15 22.24 -2.72
CA LEU C 252 3.85 21.10 -3.33
C LEU C 252 5.20 20.87 -2.66
N SER C 253 5.88 21.94 -2.26
CA SER C 253 7.22 21.80 -1.70
C SER C 253 7.20 20.98 -0.41
N ARG C 254 6.14 21.09 0.38
CA ARG C 254 6.06 20.31 1.61
C ARG C 254 5.65 18.87 1.35
N ILE C 255 5.03 18.59 0.21
CA ILE C 255 4.75 17.20 -0.18
C ILE C 255 6.05 16.45 -0.44
N VAL C 256 6.94 17.05 -1.24
CA VAL C 256 8.15 16.36 -1.66
C VAL C 256 9.08 16.13 -0.47
N ASN C 257 9.18 17.12 0.42
CA ASN C 257 10.07 16.99 1.56
C ASN C 257 9.59 15.94 2.55
N SER C 258 8.29 15.91 2.83
CA SER C 258 7.73 15.04 3.85
C SER C 258 7.35 13.64 3.36
N LYS C 259 7.28 13.42 2.05
CA LYS C 259 6.87 12.14 1.51
C LYS C 259 8.06 11.43 0.85
N TYR C 260 8.16 10.13 1.11
CA TYR C 260 9.23 9.31 0.56
C TYR C 260 8.63 8.20 -0.30
N VAL C 261 9.43 7.71 -1.25
CA VAL C 261 8.97 6.74 -2.23
C VAL C 261 10.00 5.64 -2.40
N LYS C 262 9.53 4.44 -2.75
CA LYS C 262 10.37 3.33 -3.11
C LYS C 262 10.29 3.13 -4.62
N THR C 263 11.41 2.77 -5.22
CA THR C 263 11.49 2.63 -6.67
C THR C 263 12.24 1.35 -7.01
N PRO C 264 12.38 1.02 -8.30
CA PRO C 264 13.21 -0.16 -8.63
C PRO C 264 14.66 0.05 -8.19
N VAL C 265 15.21 1.24 -8.41
CA VAL C 265 16.54 1.59 -7.91
C VAL C 265 16.35 2.46 -6.68
N GLY C 266 16.61 1.89 -5.50
CA GLY C 266 16.59 2.64 -4.26
C GLY C 266 15.28 3.25 -3.81
N THR C 267 15.31 3.88 -2.63
CA THR C 267 14.19 4.64 -2.07
C THR C 267 14.65 6.07 -1.86
N TYR C 268 13.95 7.02 -2.50
CA TYR C 268 14.41 8.41 -2.55
C TYR C 268 13.39 9.35 -1.93
N SER C 269 13.88 10.55 -1.59
CA SER C 269 13.13 11.57 -0.86
C SER C 269 11.98 12.20 -1.65
N LEU C 270 11.85 11.93 -2.95
CA LEU C 270 10.83 12.53 -3.79
C LEU C 270 11.21 13.97 -4.16
N ARG C 271 12.13 14.56 -3.41
CA ARG C 271 12.76 15.83 -3.77
C ARG C 271 13.97 15.61 -4.65
N THR C 272 14.47 14.37 -4.71
CA THR C 272 15.59 14.00 -5.56
C THR C 272 15.21 13.92 -7.02
N PHE C 273 13.92 13.90 -7.34
CA PHE C 273 13.44 13.83 -8.71
C PHE C 273 13.19 15.20 -9.33
N PHE C 274 13.50 16.27 -8.60
CA PHE C 274 13.34 17.64 -9.09
C PHE C 274 14.71 18.29 -9.21
N VAL C 275 15.06 18.71 -10.42
CA VAL C 275 16.38 19.24 -10.73
C VAL C 275 16.20 20.54 -11.52
N ARG C 276 17.31 21.28 -11.66
CA ARG C 276 17.32 22.52 -12.41
C ARG C 276 17.97 22.32 -13.77
N GLU C 277 17.46 23.03 -14.77
CA GLU C 277 17.84 22.85 -16.16
C GLU C 277 18.66 24.04 -16.68
N SER C 278 19.70 23.74 -17.44
CA SER C 278 20.42 24.74 -18.23
C SER C 278 20.18 24.49 -19.71
N ALA C 279 19.95 25.57 -20.45
CA ALA C 279 19.73 25.58 -21.92
C ALA C 279 18.51 24.71 -22.25
N GLU C 280 18.54 23.95 -23.35
CA GLU C 280 17.37 23.19 -23.79
C GLU C 280 17.10 22.01 -22.87
N GLY C 281 18.17 21.38 -22.40
CA GLY C 281 18.14 20.46 -21.30
C GLY C 281 18.22 21.42 -20.13
N LEU C 282 19.00 21.09 -19.12
CA LEU C 282 19.78 19.87 -19.05
C LEU C 282 20.08 19.74 -17.57
N THR C 283 20.13 18.55 -17.00
CA THR C 283 20.62 18.50 -15.64
C THR C 283 22.10 18.85 -15.62
N GLN C 284 22.55 19.39 -14.50
CA GLN C 284 23.96 19.74 -14.36
C GLN C 284 24.85 18.52 -14.59
N GLY C 285 24.37 17.34 -14.21
CA GLY C 285 25.13 16.13 -14.46
C GLY C 285 25.25 15.79 -15.92
N GLU C 286 24.10 15.67 -16.62
CA GLU C 286 24.14 15.37 -18.04
C GLU C 286 24.98 16.39 -18.81
N LEU C 287 24.92 17.65 -18.40
CA LEU C 287 25.74 18.68 -19.03
C LEU C 287 27.22 18.44 -18.78
N MET C 288 27.59 18.10 -17.55
CA MET C 288 28.99 17.89 -17.22
C MET C 288 29.60 16.79 -18.08
N LYS C 289 28.84 15.74 -18.37
CA LYS C 289 29.37 14.64 -19.17
C LYS C 289 29.64 15.06 -20.60
N LEU C 290 28.81 15.95 -21.15
CA LEU C 290 29.03 16.44 -22.52
C LEU C 290 30.37 17.14 -22.64
N ILE C 291 30.65 18.08 -21.73
CA ILE C 291 31.93 18.78 -21.78
C ILE C 291 33.07 17.80 -21.69
N LYS C 292 32.97 16.83 -20.76
CA LYS C 292 34.00 15.81 -20.64
C LYS C 292 34.11 14.96 -21.91
N GLU C 293 33.01 14.82 -22.64
CA GLU C 293 33.06 14.06 -23.89
C GLU C 293 33.72 14.85 -25.01
N ILE C 294 33.43 16.15 -25.09
CA ILE C 294 34.02 16.97 -26.15
C ILE C 294 35.53 17.05 -26.00
N VAL C 295 36.04 17.06 -24.77
CA VAL C 295 37.49 17.08 -24.56
C VAL C 295 38.13 15.81 -25.10
N GLU C 296 37.38 14.70 -25.12
CA GLU C 296 37.85 13.45 -25.69
C GLU C 296 38.06 13.57 -27.20
N ARG C 301 47.10 20.03 -28.33
CA ARG C 301 47.60 21.25 -28.95
C ARG C 301 46.50 21.94 -29.75
N LYS C 302 45.89 21.17 -30.65
CA LYS C 302 44.83 21.62 -31.55
C LYS C 302 43.52 22.01 -30.86
N PRO C 303 43.10 21.34 -29.79
CA PRO C 303 41.71 21.49 -29.33
C PRO C 303 41.34 22.91 -28.93
N TYR C 304 40.02 23.14 -28.91
CA TYR C 304 39.45 24.43 -28.54
C TYR C 304 39.66 24.71 -27.06
N SER C 305 39.74 25.99 -26.71
CA SER C 305 40.06 26.37 -25.33
C SER C 305 38.80 26.49 -24.48
N ASP C 306 38.04 27.57 -24.64
CA ASP C 306 36.78 27.70 -23.91
C ASP C 306 35.63 28.16 -24.79
N GLN C 307 35.68 29.43 -25.21
CA GLN C 307 34.59 29.99 -25.99
C GLN C 307 34.32 29.18 -27.24
N GLU C 308 35.37 28.56 -27.79
CA GLU C 308 35.20 27.74 -28.99
C GLU C 308 34.34 26.52 -28.69
N ILE C 309 34.46 25.95 -27.49
CA ILE C 309 33.73 24.73 -27.19
C ILE C 309 32.24 25.03 -26.98
N ALA C 310 31.91 26.20 -26.45
CA ALA C 310 30.50 26.59 -26.37
C ALA C 310 29.86 26.62 -27.75
N ASN C 311 30.65 26.89 -28.78
CA ASN C 311 30.13 26.91 -30.15
C ASN C 311 29.74 25.52 -30.64
N ILE C 312 30.44 24.47 -30.19
CA ILE C 312 30.06 23.12 -30.60
C ILE C 312 28.67 22.77 -30.08
N LEU C 313 28.36 23.14 -28.84
CA LEU C 313 27.08 22.79 -28.26
C LEU C 313 25.96 23.64 -28.84
N LYS C 314 26.22 24.92 -29.12
CA LYS C 314 25.18 25.77 -29.72
C LYS C 314 24.78 25.25 -31.08
N GLU C 315 25.75 24.76 -31.86
CA GLU C 315 25.42 24.04 -33.09
C GLU C 315 24.89 22.65 -32.79
N LYS C 316 25.20 22.10 -31.60
CA LYS C 316 24.68 20.81 -31.17
C LYS C 316 23.21 20.87 -30.78
N GLY C 317 22.62 22.06 -30.76
CA GLY C 317 21.23 22.24 -30.38
C GLY C 317 21.03 22.85 -29.02
N PHE C 318 22.08 22.92 -28.20
CA PHE C 318 22.00 23.44 -26.83
C PHE C 318 22.75 24.77 -26.77
N LYS C 319 22.02 25.86 -26.58
CA LYS C 319 22.62 27.18 -26.44
C LYS C 319 23.21 27.33 -25.05
N VAL C 320 24.45 27.81 -24.98
CA VAL C 320 25.18 27.95 -23.73
C VAL C 320 25.88 29.31 -23.71
N ALA C 321 26.59 29.58 -22.63
CA ALA C 321 27.36 30.80 -22.47
C ALA C 321 28.86 30.47 -22.43
N ARG C 322 29.66 31.40 -22.94
CA ARG C 322 31.11 31.18 -22.97
C ARG C 322 31.67 30.99 -21.56
N ARG C 323 31.19 31.78 -20.60
CA ARG C 323 31.70 31.68 -19.24
C ARG C 323 31.25 30.38 -18.57
N THR C 324 30.02 29.95 -18.86
CA THR C 324 29.45 28.81 -18.14
C THR C 324 30.27 27.54 -18.36
N VAL C 325 30.74 27.31 -19.58
CA VAL C 325 31.57 26.14 -19.84
C VAL C 325 32.87 26.19 -19.05
N ALA C 326 33.32 27.40 -18.68
CA ALA C 326 34.54 27.51 -17.88
C ALA C 326 34.33 26.95 -16.47
N LYS C 327 33.18 27.23 -15.87
CA LYS C 327 32.92 26.73 -14.52
C LYS C 327 32.79 25.21 -14.52
N TYR C 328 32.06 24.65 -15.49
CA TYR C 328 31.97 23.20 -15.59
C TYR C 328 33.30 22.58 -16.03
N ARG C 329 34.18 23.37 -16.64
CA ARG C 329 35.52 22.90 -16.94
C ARG C 329 36.37 22.79 -15.68
N GLU C 330 36.04 23.56 -14.63
CA GLU C 330 36.79 23.50 -13.38
C GLU C 330 36.33 22.34 -12.50
N MET C 331 35.02 22.09 -12.44
CA MET C 331 34.50 21.05 -11.54
C MET C 331 35.06 19.68 -11.92
N LEU C 332 34.84 19.25 -13.15
CA LEU C 332 35.51 18.07 -13.66
C LEU C 332 36.94 18.44 -14.06
N GLY C 333 37.83 17.46 -14.00
CA GLY C 333 39.22 17.80 -14.28
C GLY C 333 39.42 18.21 -15.73
N ILE C 334 39.78 19.48 -15.92
CA ILE C 334 40.26 20.01 -17.19
C ILE C 334 41.28 21.11 -16.84
N PRO C 335 42.55 20.77 -16.58
CA PRO C 335 43.47 21.81 -16.10
C PRO C 335 43.43 23.05 -16.96
N SER C 336 43.49 22.85 -18.27
CA SER C 336 43.07 23.85 -19.25
C SER C 336 42.78 23.12 -20.55
N SER C 337 41.95 23.74 -21.39
CA SER C 337 41.88 23.25 -22.75
C SER C 337 43.10 23.70 -23.54
N ARG C 338 43.71 24.81 -23.13
CA ARG C 338 44.99 25.24 -23.66
C ARG C 338 46.13 24.43 -23.05
N GLU C 339 46.18 24.33 -21.72
CA GLU C 339 47.27 23.63 -21.06
C GLU C 339 47.25 22.13 -21.35
N ARG C 340 46.12 21.60 -21.81
CA ARG C 340 46.10 20.25 -22.37
C ARG C 340 46.81 20.19 -23.71
N ARG C 341 47.06 21.34 -24.34
CA ARG C 341 47.86 21.38 -25.56
C ARG C 341 49.34 21.23 -25.26
N ILE C 342 49.83 21.88 -24.21
CA ILE C 342 51.23 21.80 -23.83
C ILE C 342 51.49 20.54 -23.01
N GLU F 17 -34.24 0.32 -3.68
CA GLU F 17 -34.82 1.47 -3.02
C GLU F 17 -36.28 1.22 -2.69
N LEU F 18 -37.07 2.31 -2.60
CA LEU F 18 -38.49 2.16 -2.36
C LEU F 18 -39.19 1.53 -3.55
N GLU F 19 -38.78 1.89 -4.77
CA GLU F 19 -39.38 1.28 -5.96
C GLU F 19 -39.14 -0.23 -5.97
N GLU F 20 -37.96 -0.67 -5.55
CA GLU F 20 -37.69 -2.10 -5.46
C GLU F 20 -38.57 -2.75 -4.40
N LEU F 21 -38.71 -2.10 -3.24
CA LEU F 21 -39.51 -2.67 -2.16
C LEU F 21 -40.99 -2.68 -2.54
N GLN F 22 -41.49 -1.55 -3.06
CA GLN F 22 -42.90 -1.48 -3.43
C GLN F 22 -43.27 -2.59 -4.42
N GLN F 23 -42.38 -2.85 -5.39
CA GLN F 23 -42.64 -3.90 -6.37
C GLN F 23 -42.55 -5.27 -5.73
N ASN F 24 -41.62 -5.45 -4.80
CA ASN F 24 -41.45 -6.73 -4.11
C ASN F 24 -42.61 -7.04 -3.18
N ILE F 25 -43.35 -6.02 -2.74
CA ILE F 25 -44.45 -6.25 -1.80
C ILE F 25 -45.50 -7.16 -2.43
N LYS F 26 -45.80 -6.96 -3.71
CA LYS F 26 -46.79 -7.80 -4.39
C LYS F 26 -46.30 -9.23 -4.58
N LEU F 27 -44.99 -9.47 -4.50
CA LEU F 27 -44.45 -10.78 -4.83
C LEU F 27 -44.98 -11.86 -3.90
N GLU F 28 -44.70 -11.74 -2.60
CA GLU F 28 -45.09 -12.74 -1.62
C GLU F 28 -46.37 -12.39 -0.87
N LEU F 29 -46.94 -11.21 -1.11
CA LEU F 29 -48.12 -10.74 -0.38
C LEU F 29 -49.31 -10.65 -1.33
N GLU F 30 -50.44 -11.19 -0.90
CA GLU F 30 -51.68 -11.16 -1.67
C GLU F 30 -52.85 -10.96 -0.73
N GLY F 31 -53.86 -10.26 -1.20
CA GLY F 31 -55.01 -10.01 -0.37
C GLY F 31 -54.85 -8.76 0.48
N LYS F 32 -55.55 -8.77 1.61
CA LYS F 32 -55.53 -7.61 2.50
C LYS F 32 -54.14 -7.37 3.06
N GLU F 33 -53.33 -8.41 3.24
CA GLU F 33 -52.04 -8.25 3.89
C GLU F 33 -51.11 -7.35 3.08
N GLN F 34 -51.12 -7.48 1.75
CA GLN F 34 -50.28 -6.62 0.93
C GLN F 34 -50.81 -5.19 0.91
N GLU F 35 -52.13 -5.04 0.78
CA GLU F 35 -52.74 -3.71 0.86
C GLU F 35 -52.46 -3.05 2.21
N LEU F 36 -52.44 -3.84 3.28
CA LEU F 36 -52.11 -3.30 4.60
C LEU F 36 -50.65 -2.85 4.67
N ALA F 37 -49.74 -3.63 4.09
CA ALA F 37 -48.32 -3.32 4.18
C ALA F 37 -47.98 -2.00 3.49
N LEU F 38 -48.63 -1.72 2.35
CA LEU F 38 -48.30 -0.53 1.57
C LEU F 38 -48.49 0.75 2.38
N GLU F 39 -49.64 0.89 3.05
CA GLU F 39 -49.86 2.07 3.88
C GLU F 39 -49.00 2.03 5.13
N LEU F 40 -48.67 0.83 5.62
CA LEU F 40 -47.61 0.69 6.62
C LEU F 40 -46.36 1.42 6.17
N LEU F 41 -46.07 1.35 4.88
CA LEU F 41 -44.95 2.05 4.27
C LEU F 41 -45.28 3.53 4.11
N ASN F 42 -44.25 4.32 3.85
CA ASN F 42 -44.30 5.78 3.69
C ASN F 42 -44.61 6.49 4.99
N TYR F 43 -44.48 5.82 6.14
CA TYR F 43 -44.34 6.47 7.44
C TYR F 43 -42.93 6.08 7.88
N LEU F 44 -41.99 7.02 7.79
CA LEU F 44 -40.64 6.75 8.23
C LEU F 44 -39.80 8.01 8.02
N ASN F 45 -38.66 8.04 8.69
CA ASN F 45 -37.60 8.98 8.36
C ASN F 45 -36.74 8.38 7.26
N GLU F 46 -36.18 9.24 6.41
CA GLU F 46 -35.43 8.78 5.23
C GLU F 46 -34.29 7.84 5.58
N LYS F 47 -33.93 7.72 6.86
CA LYS F 47 -32.97 6.70 7.26
C LYS F 47 -33.55 5.29 7.19
N GLY F 48 -34.85 5.18 6.89
CA GLY F 48 -35.48 3.90 6.61
C GLY F 48 -36.43 3.38 7.68
N PHE F 49 -36.50 4.00 8.86
CA PHE F 49 -37.40 3.55 9.90
C PHE F 49 -38.43 4.64 10.22
N LEU F 50 -39.56 4.19 10.76
CA LEU F 50 -40.73 5.02 10.99
C LEU F 50 -40.61 5.85 12.26
N SER F 51 -41.21 7.04 12.23
CA SER F 51 -41.25 7.87 13.42
C SER F 51 -42.36 7.46 14.39
N LYS F 52 -43.41 6.80 13.92
CA LYS F 52 -44.50 6.38 14.80
C LYS F 52 -44.38 4.90 15.15
N SER F 53 -45.12 4.50 16.18
CA SER F 53 -45.20 3.11 16.60
C SER F 53 -46.47 2.45 16.06
N VAL F 54 -46.55 1.13 16.26
CA VAL F 54 -47.77 0.40 15.92
C VAL F 54 -48.94 0.90 16.77
N GLU F 55 -48.67 1.26 18.02
CA GLU F 55 -49.71 1.80 18.90
C GLU F 55 -50.44 2.96 18.25
N GLU F 56 -49.69 3.95 17.74
CA GLU F 56 -50.28 5.11 17.10
C GLU F 56 -50.70 4.81 15.67
N ILE F 57 -50.03 3.88 15.01
CA ILE F 57 -50.30 3.56 13.61
C ILE F 57 -51.63 2.86 13.42
N SER F 58 -52.16 2.21 14.46
CA SER F 58 -53.41 1.46 14.31
C SER F 58 -54.58 2.40 14.03
N ASP F 59 -54.67 3.51 14.77
CA ASP F 59 -55.86 4.35 14.70
C ASP F 59 -56.04 5.03 13.34
N VAL F 60 -54.97 5.15 12.55
CA VAL F 60 -55.07 5.93 11.32
C VAL F 60 -55.76 5.15 10.21
N LEU F 61 -55.42 3.87 10.04
CA LEU F 61 -55.96 3.06 8.95
C LEU F 61 -57.20 2.26 9.32
N ARG F 62 -57.71 2.42 10.54
CA ARG F 62 -58.88 1.65 10.99
C ARG F 62 -58.57 0.16 10.97
N CYS F 63 -57.40 -0.21 11.45
CA CYS F 63 -56.99 -1.60 11.54
C CYS F 63 -56.35 -1.86 12.90
N SER F 64 -56.42 -3.11 13.34
CA SER F 64 -55.87 -3.48 14.63
C SER F 64 -54.34 -3.51 14.56
N VAL F 65 -53.72 -3.51 15.75
CA VAL F 65 -52.27 -3.63 15.83
C VAL F 65 -51.81 -5.07 15.69
N GLU F 66 -52.74 -6.02 15.68
CA GLU F 66 -52.37 -7.42 15.53
C GLU F 66 -51.93 -7.72 14.10
N GLU F 67 -52.54 -7.08 13.12
CA GLU F 67 -52.19 -7.34 11.72
C GLU F 67 -50.86 -6.67 11.36
N LEU F 68 -50.65 -5.42 11.80
CA LEU F 68 -49.45 -4.70 11.41
C LEU F 68 -48.19 -5.40 11.91
N GLU F 69 -48.11 -5.65 13.22
CA GLU F 69 -47.00 -6.44 13.73
C GLU F 69 -46.92 -7.80 13.04
N LYS F 70 -48.05 -8.30 12.56
CA LYS F 70 -48.04 -9.54 11.79
C LYS F 70 -47.46 -9.32 10.40
N VAL F 71 -47.86 -8.23 9.74
CA VAL F 71 -47.34 -7.92 8.41
C VAL F 71 -45.97 -7.26 8.51
N ARG F 72 -45.76 -6.42 9.52
CA ARG F 72 -44.49 -5.71 9.63
C ARG F 72 -43.32 -6.67 9.75
N GLN F 73 -43.49 -7.77 10.48
CA GLN F 73 -42.43 -8.76 10.58
C GLN F 73 -42.12 -9.37 9.22
N LYS F 74 -43.11 -9.39 8.32
CA LYS F 74 -42.90 -9.90 6.97
C LYS F 74 -42.24 -8.86 6.07
N VAL F 75 -42.47 -7.58 6.31
CA VAL F 75 -42.01 -6.54 5.38
C VAL F 75 -40.50 -6.39 5.43
N LEU F 76 -39.90 -6.41 6.63
CA LEU F 76 -38.46 -6.25 6.71
C LEU F 76 -37.71 -7.42 6.09
N ARG F 77 -38.34 -8.58 5.96
CA ARG F 77 -37.70 -9.76 5.42
C ARG F 77 -37.66 -9.77 3.89
N LEU F 78 -38.21 -8.75 3.25
CA LEU F 78 -38.17 -8.61 1.80
C LEU F 78 -37.05 -7.65 1.44
N GLU F 79 -36.22 -8.04 0.47
CA GLU F 79 -35.12 -7.19 0.01
C GLU F 79 -35.65 -5.90 -0.62
N PRO F 80 -35.05 -4.77 -0.24
CA PRO F 80 -33.95 -4.67 0.73
C PRO F 80 -34.40 -4.96 2.16
N LEU F 81 -33.55 -5.66 2.90
CA LEU F 81 -33.91 -6.18 4.21
C LEU F 81 -34.10 -5.07 5.24
N GLY F 82 -34.93 -5.36 6.25
CA GLY F 82 -35.00 -4.57 7.47
C GLY F 82 -35.59 -3.18 7.35
N VAL F 83 -36.60 -2.98 6.51
CA VAL F 83 -37.17 -1.66 6.25
C VAL F 83 -37.66 -1.03 7.56
N CYS F 84 -38.76 -1.54 8.10
CA CYS F 84 -39.66 -0.77 8.95
C CYS F 84 -39.17 -0.61 10.39
N SER F 85 -38.31 -1.52 10.85
CA SER F 85 -37.98 -1.62 12.25
C SER F 85 -37.57 -0.25 12.80
N LYS F 86 -38.22 0.13 13.89
CA LYS F 86 -38.02 1.46 14.44
C LYS F 86 -36.64 1.60 15.06
N ASP F 87 -36.27 0.65 15.91
CA ASP F 87 -34.96 0.70 16.54
C ASP F 87 -33.87 0.36 15.54
N VAL F 88 -32.69 0.95 15.74
CA VAL F 88 -31.52 0.53 14.96
C VAL F 88 -31.21 -0.93 15.24
N TRP F 89 -31.28 -1.33 16.52
CA TRP F 89 -30.89 -2.68 16.90
C TRP F 89 -31.74 -3.74 16.19
N GLU F 90 -33.03 -3.45 15.98
CA GLU F 90 -33.87 -4.42 15.28
C GLU F 90 -33.33 -4.68 13.87
N PHE F 91 -32.81 -3.65 13.21
CA PHE F 91 -32.21 -3.84 11.89
C PHE F 91 -31.00 -4.77 11.97
N LEU F 92 -30.08 -4.49 12.91
CA LEU F 92 -28.94 -5.36 13.08
C LEU F 92 -29.35 -6.73 13.62
N GLU F 93 -30.27 -6.74 14.58
CA GLU F 93 -30.74 -8.02 15.12
C GLU F 93 -31.46 -8.83 14.05
N LEU F 94 -32.24 -8.14 13.19
CA LEU F 94 -32.88 -8.83 12.08
C LEU F 94 -31.87 -9.24 11.02
N GLN F 95 -30.82 -8.43 10.81
CA GLN F 95 -29.76 -8.82 9.88
C GLN F 95 -29.10 -10.10 10.34
N ILE F 96 -28.83 -10.22 11.64
CA ILE F 96 -28.27 -11.45 12.20
C ILE F 96 -29.31 -12.55 12.21
N GLU F 97 -30.57 -12.21 12.52
CA GLU F 97 -31.62 -13.22 12.55
C GLU F 97 -31.92 -13.75 11.16
N GLU F 98 -32.17 -12.86 10.19
CA GLU F 98 -32.58 -13.32 8.87
C GLU F 98 -31.39 -13.86 8.09
N ILE F 99 -30.23 -13.22 8.22
CA ILE F 99 -29.02 -13.65 7.55
C ILE F 99 -27.94 -13.84 8.62
N TYR F 100 -26.89 -14.55 8.26
CA TYR F 100 -25.87 -15.03 9.18
C TYR F 100 -26.55 -15.82 10.30
N PRO F 101 -27.37 -16.82 9.96
CA PRO F 101 -27.96 -17.64 11.03
C PRO F 101 -26.94 -18.53 11.68
N GLU F 102 -25.90 -18.92 10.95
CA GLU F 102 -24.87 -19.81 11.47
C GLU F 102 -24.11 -19.15 12.63
N GLU F 103 -23.74 -17.88 12.45
CA GLU F 103 -22.93 -17.16 13.43
C GLU F 103 -23.75 -16.34 14.42
N GLU F 104 -25.09 -16.43 14.38
CA GLU F 104 -25.91 -15.53 15.19
C GLU F 104 -25.53 -15.56 16.66
N GLU F 105 -25.03 -16.69 17.17
CA GLU F 105 -24.71 -16.79 18.59
C GLU F 105 -23.64 -15.78 18.98
N ILE F 106 -22.53 -15.74 18.24
CA ILE F 106 -21.44 -14.83 18.60
C ILE F 106 -21.85 -13.37 18.37
N LEU F 107 -22.50 -13.09 17.24
CA LEU F 107 -22.81 -11.70 16.91
C LEU F 107 -23.72 -11.06 17.96
N LYS F 108 -24.79 -11.75 18.34
CA LYS F 108 -25.70 -11.20 19.34
C LYS F 108 -24.98 -10.92 20.65
N LYS F 109 -23.97 -11.72 20.99
CA LYS F 109 -23.18 -11.43 22.18
C LYS F 109 -22.40 -10.13 22.05
N ALA F 110 -22.05 -9.74 20.83
CA ALA F 110 -21.24 -8.54 20.63
C ALA F 110 -22.05 -7.26 20.83
N LEU F 111 -23.36 -7.30 20.59
CA LEU F 111 -24.18 -6.10 20.71
C LEU F 111 -24.27 -5.62 22.15
N ARG F 112 -24.41 -6.54 23.10
CA ARG F 112 -24.68 -6.14 24.48
C ARG F 112 -23.52 -5.33 25.06
N ASP F 113 -22.31 -5.88 25.01
CA ASP F 113 -21.17 -5.16 25.57
C ASP F 113 -20.92 -3.85 24.84
N LEU F 114 -21.25 -3.80 23.55
CA LEU F 114 -21.13 -2.54 22.80
C LEU F 114 -22.13 -1.51 23.30
N LYS F 115 -23.35 -1.94 23.62
CA LYS F 115 -24.34 -1.02 24.18
C LYS F 115 -23.84 -0.41 25.49
N ARG F 116 -23.32 -1.24 26.38
CA ARG F 116 -22.87 -0.77 27.69
C ARG F 116 -21.55 -0.02 27.62
N GLY F 117 -20.85 -0.05 26.48
CA GLY F 117 -19.59 0.62 26.34
C GLY F 117 -18.36 -0.26 26.42
N LYS F 118 -18.54 -1.58 26.37
CA LYS F 118 -17.41 -2.50 26.47
C LYS F 118 -16.61 -2.48 25.15
N LYS F 119 -15.52 -3.24 25.13
CA LYS F 119 -14.68 -3.34 23.95
C LYS F 119 -15.02 -4.59 23.14
N LEU F 120 -14.33 -4.75 22.01
CA LEU F 120 -14.53 -5.87 21.11
C LEU F 120 -13.21 -6.29 20.50
N LYS F 121 -13.09 -7.58 20.20
CA LYS F 121 -11.87 -8.09 19.59
C LYS F 121 -11.76 -7.64 18.13
N PRO F 122 -10.54 -7.54 17.60
CA PRO F 122 -10.39 -7.14 16.19
C PRO F 122 -11.00 -8.11 15.21
N GLU F 123 -11.00 -9.41 15.52
CA GLU F 123 -11.64 -10.37 14.63
C GLU F 123 -13.16 -10.26 14.70
N ILE F 124 -13.70 -10.13 15.92
CA ILE F 124 -15.14 -9.94 16.08
C ILE F 124 -15.54 -8.57 15.56
N LYS F 125 -14.63 -7.60 15.66
CA LYS F 125 -14.89 -6.25 15.16
C LYS F 125 -15.01 -6.23 13.64
N GLY F 126 -14.18 -7.03 12.95
CA GLY F 126 -14.23 -7.04 11.50
C GLY F 126 -15.46 -7.72 10.93
N LYS F 127 -15.92 -8.80 11.57
CA LYS F 127 -17.04 -9.56 11.03
C LYS F 127 -18.30 -8.74 10.97
N LEU F 128 -18.50 -7.83 11.94
CA LEU F 128 -19.70 -7.00 11.96
C LEU F 128 -19.66 -5.89 10.92
N SER F 129 -18.53 -5.68 10.24
CA SER F 129 -18.44 -4.61 9.26
C SER F 129 -19.33 -4.87 8.05
N ARG F 130 -19.65 -6.14 7.78
CA ARG F 130 -20.58 -6.46 6.71
C ARG F 130 -22.00 -6.03 7.03
N LEU F 131 -22.30 -5.76 8.31
CA LEU F 131 -23.62 -5.30 8.70
C LEU F 131 -23.79 -3.82 8.34
N ARG F 132 -25.05 -3.43 8.17
CA ARG F 132 -25.41 -2.06 7.80
C ARG F 132 -26.33 -1.45 8.84
N LEU F 133 -26.05 -0.19 9.19
CA LEU F 133 -26.86 0.50 10.22
C LEU F 133 -28.21 0.95 9.69
N PHE F 134 -28.23 1.55 8.49
CA PHE F 134 -29.48 2.15 8.05
C PHE F 134 -30.01 1.48 6.80
N PRO F 135 -31.34 1.33 6.69
CA PRO F 135 -31.90 0.68 5.49
C PRO F 135 -31.73 1.50 4.22
N LEU F 136 -31.59 2.82 4.33
CA LEU F 136 -31.49 3.67 3.15
C LEU F 136 -30.47 4.80 3.36
N SER F 139 -26.65 6.14 1.75
CA SER F 139 -26.55 4.77 1.28
C SER F 139 -25.14 4.21 1.47
N ALA F 140 -25.02 2.89 1.36
CA ALA F 140 -23.78 2.16 1.65
C ALA F 140 -23.35 2.29 3.10
N GLU F 141 -24.27 2.66 3.99
CA GLU F 141 -23.96 2.81 5.40
C GLU F 141 -23.48 1.48 5.98
N LYS F 142 -22.42 1.54 6.79
CA LYS F 142 -21.89 0.34 7.43
C LYS F 142 -21.41 0.68 8.84
N VAL F 143 -21.51 -0.29 9.73
CA VAL F 143 -21.23 -0.06 11.14
C VAL F 143 -19.75 0.22 11.37
N TYR F 144 -18.88 -0.63 10.82
CA TYR F 144 -17.45 -0.55 11.07
C TYR F 144 -16.69 -0.52 9.75
N THR F 145 -15.76 0.42 9.64
CA THR F 145 -14.86 0.52 8.49
C THR F 145 -13.42 0.48 8.99
N PHE F 146 -12.60 -0.35 8.36
CA PHE F 146 -11.25 -0.59 8.83
C PHE F 146 -10.35 0.59 8.50
N ALA F 147 -9.53 0.99 9.48
CA ALA F 147 -8.50 1.99 9.19
C ALA F 147 -7.40 1.41 8.30
N LYS F 148 -7.03 0.16 8.54
CA LYS F 148 -5.95 -0.49 7.80
C LYS F 148 -6.47 -1.77 7.14
N VAL F 149 -6.00 -2.03 5.93
CA VAL F 149 -6.40 -3.20 5.17
C VAL F 149 -5.13 -3.92 4.70
N ASP F 150 -5.09 -5.24 4.92
CA ASP F 150 -3.87 -6.01 4.75
C ASP F 150 -3.56 -6.34 3.30
N ALA F 151 -4.44 -5.99 2.37
CA ALA F 151 -4.16 -6.13 0.94
C ALA F 151 -5.25 -5.38 0.18
N ILE F 152 -5.12 -5.35 -1.14
CA ILE F 152 -6.14 -4.79 -2.01
C ILE F 152 -6.03 -5.49 -3.36
N ILE F 153 -7.15 -5.55 -4.08
CA ILE F 153 -7.17 -6.27 -5.36
C ILE F 153 -8.04 -5.54 -6.36
N GLU F 154 -7.56 -5.51 -7.61
CA GLU F 154 -8.24 -4.97 -8.77
C GLU F 154 -7.30 -5.31 -9.92
N GLU F 155 -7.73 -5.18 -11.17
CA GLU F 155 -9.09 -4.88 -11.56
C GLU F 155 -9.32 -5.58 -12.90
N GLU F 156 -10.49 -6.19 -13.07
CA GLU F 156 -10.86 -6.74 -14.37
C GLU F 156 -11.45 -5.60 -15.18
N ASN F 157 -11.10 -5.47 -16.46
CA ASN F 157 -10.41 -6.43 -17.30
C ASN F 157 -8.90 -6.65 -17.10
N GLY F 158 -8.25 -5.89 -16.22
CA GLY F 158 -6.80 -5.88 -16.15
C GLY F 158 -5.94 -7.16 -16.08
N GLU F 159 -6.48 -8.27 -15.61
CA GLU F 159 -7.70 -8.30 -14.82
C GLU F 159 -7.41 -8.50 -13.34
N PHE F 160 -6.15 -8.78 -12.98
CA PHE F 160 -5.82 -8.97 -11.57
C PHE F 160 -4.52 -8.26 -11.22
N PHE F 161 -4.64 -7.23 -10.38
CA PHE F 161 -3.52 -6.54 -9.75
C PHE F 161 -3.59 -6.86 -8.27
N ILE F 162 -2.47 -7.21 -7.65
CA ILE F 162 -2.44 -7.35 -6.20
C ILE F 162 -1.44 -6.35 -5.64
N TYR F 163 -1.95 -5.32 -4.98
CA TYR F 163 -1.12 -4.60 -4.04
C TYR F 163 -1.03 -5.43 -2.77
N LEU F 164 0.06 -5.28 -2.05
CA LEU F 164 0.12 -5.78 -0.70
C LEU F 164 0.19 -4.60 0.26
N TYR F 165 0.19 -4.91 1.56
CA TYR F 165 0.40 -3.91 2.60
C TYR F 165 1.86 -3.88 3.02
N GLU F 166 2.38 -5.00 3.49
CA GLU F 166 3.75 -5.08 3.99
C GLU F 166 4.77 -4.68 2.93
N ASP F 167 4.38 -4.60 1.66
CA ASP F 167 5.30 -4.12 0.64
C ASP F 167 5.82 -2.72 0.97
N PHE F 168 5.05 -1.95 1.75
CA PHE F 168 5.45 -0.63 2.23
C PHE F 168 6.11 -0.69 3.59
N ILE F 169 6.19 -1.87 4.20
CA ILE F 169 6.61 -2.01 5.59
C ILE F 169 8.02 -2.59 5.63
N ASP F 170 8.81 -2.11 6.57
CA ASP F 170 10.18 -2.59 6.77
C ASP F 170 10.51 -2.47 8.25
N ILE F 171 11.58 -3.16 8.66
CA ILE F 171 11.98 -3.10 10.05
C ILE F 171 12.27 -1.66 10.44
N ASP F 172 11.59 -1.20 11.50
CA ASP F 172 11.89 0.11 12.07
C ASP F 172 13.07 -0.03 13.03
N LEU F 173 14.12 0.74 12.80
CA LEU F 173 15.32 0.60 13.61
C LEU F 173 15.01 1.03 15.04
N ASN F 174 15.19 0.12 15.98
CA ASN F 174 14.83 0.36 17.36
C ASN F 174 15.89 1.22 18.06
N GLU F 175 15.52 1.73 19.24
CA GLU F 175 16.40 2.65 19.95
C GLU F 175 17.75 2.02 20.26
N GLU F 176 17.81 0.70 20.40
CA GLU F 176 19.09 0.05 20.69
C GLU F 176 20.06 0.27 19.54
N TYR F 177 19.58 0.21 18.30
CA TYR F 177 20.44 0.47 17.16
C TYR F 177 20.95 1.90 17.17
N TRP F 178 20.06 2.86 17.45
CA TRP F 178 20.49 4.25 17.55
C TRP F 178 21.49 4.43 18.69
N GLU F 179 21.27 3.72 19.80
CA GLU F 179 22.08 3.89 21.00
C GLU F 179 23.43 3.20 20.90
N LEU F 180 23.60 2.24 19.97
CA LEU F 180 24.86 1.50 19.88
C LEU F 180 26.02 2.38 19.45
N TYR F 181 25.75 3.55 18.88
CA TYR F 181 26.83 4.46 18.51
C TYR F 181 27.55 5.01 19.73
N LYS F 182 26.89 5.02 20.90
CA LYS F 182 27.57 5.34 22.14
C LYS F 182 28.58 4.29 22.54
N LYS F 183 28.55 3.11 21.91
CA LYS F 183 29.27 1.95 22.39
C LYS F 183 30.73 2.02 21.92
N SER F 184 31.45 0.91 22.10
CA SER F 184 32.90 0.87 21.97
C SER F 184 33.35 1.13 20.52
N ARG F 185 34.64 1.45 20.39
CA ARG F 185 35.26 1.68 19.10
C ARG F 185 35.24 0.45 18.22
N ASN F 186 34.77 -0.67 18.75
CA ASN F 186 34.56 -1.88 17.97
C ASN F 186 33.25 -1.82 17.20
N LEU F 187 32.59 -0.66 17.22
CA LEU F 187 31.36 -0.39 16.48
C LEU F 187 31.42 -0.95 15.07
N GLN F 188 32.59 -0.84 14.43
CA GLN F 188 32.76 -1.39 13.09
C GLN F 188 32.26 -2.83 13.01
N LYS F 189 32.52 -3.61 14.05
CA LYS F 189 32.00 -4.97 14.13
C LYS F 189 30.52 -5.00 14.50
N GLU F 190 30.04 -3.98 15.22
CA GLU F 190 28.70 -4.01 15.78
C GLU F 190 27.62 -4.01 14.70
N LEU F 191 27.75 -3.12 13.72
CA LEU F 191 26.71 -3.05 12.69
C LEU F 191 26.67 -4.32 11.86
N LYS F 192 27.82 -4.97 11.64
CA LYS F 192 27.81 -6.26 10.96
C LYS F 192 26.86 -7.22 11.65
N GLU F 193 26.99 -7.36 12.97
CA GLU F 193 26.11 -8.25 13.71
C GLU F 193 24.65 -7.79 13.60
N ALA F 194 24.41 -6.47 13.69
CA ALA F 194 23.05 -5.96 13.59
C ALA F 194 22.46 -6.23 12.21
N PHE F 195 23.23 -6.02 11.16
CA PHE F 195 22.73 -6.26 9.81
C PHE F 195 22.52 -7.73 9.53
N GLU F 196 23.30 -8.61 10.16
CA GLU F 196 23.14 -10.04 9.98
C GLU F 196 21.74 -10.48 10.42
N ARG F 197 21.34 -10.07 11.63
CA ARG F 197 20.03 -10.45 12.15
C ARG F 197 18.90 -9.75 11.40
N TYR F 198 19.10 -8.50 11.00
CA TYR F 198 18.05 -7.78 10.28
C TYR F 198 17.75 -8.44 8.95
N GLU F 199 18.78 -8.69 8.14
CA GLU F 199 18.57 -9.32 6.84
C GLU F 199 17.96 -10.71 6.98
N SER F 200 18.08 -11.34 8.14
CA SER F 200 17.43 -12.63 8.37
C SER F 200 15.92 -12.45 8.49
N ILE F 201 15.48 -11.46 9.27
CA ILE F 201 14.06 -11.22 9.43
C ILE F 201 13.47 -10.61 8.16
N ARG F 202 14.27 -9.85 7.40
CA ARG F 202 13.82 -9.34 6.12
C ARG F 202 13.55 -10.48 5.14
N LYS F 203 14.30 -11.57 5.28
CA LYS F 203 14.11 -12.74 4.44
C LYS F 203 12.84 -13.50 4.79
N VAL F 204 12.58 -13.68 6.08
CA VAL F 204 11.37 -14.37 6.50
C VAL F 204 10.15 -13.51 6.20
N LEU F 205 10.29 -12.19 6.37
CA LEU F 205 9.20 -11.28 6.07
C LEU F 205 8.85 -11.31 4.58
N ASP F 206 9.84 -11.59 3.73
CA ASP F 206 9.56 -11.72 2.30
C ASP F 206 8.76 -12.98 1.99
N ILE F 207 9.11 -14.11 2.63
CA ILE F 207 8.38 -15.34 2.41
C ILE F 207 6.97 -15.23 3.00
N ARG F 208 6.84 -14.53 4.13
CA ARG F 208 5.53 -14.37 4.74
C ARG F 208 4.61 -13.57 3.84
N ARG F 209 5.12 -12.51 3.21
CA ARG F 209 4.32 -11.75 2.25
C ARG F 209 4.21 -12.47 0.92
N ARG F 210 5.23 -13.28 0.57
CA ARG F 210 5.12 -14.10 -0.64
C ARG F 210 3.98 -15.09 -0.51
N ASN F 211 3.70 -15.58 0.71
CA ASN F 211 2.59 -16.49 0.91
C ASN F 211 1.25 -15.79 0.68
N LEU F 212 1.13 -14.53 1.13
CA LEU F 212 -0.11 -13.79 0.91
C LEU F 212 -0.40 -13.64 -0.57
N ARG F 213 0.60 -13.24 -1.36
CA ARG F 213 0.39 -13.09 -2.79
C ARG F 213 0.02 -14.42 -3.43
N LYS F 214 0.67 -15.50 -3.00
CA LYS F 214 0.33 -16.82 -3.52
C LYS F 214 -1.12 -17.18 -3.19
N VAL F 215 -1.58 -16.81 -1.99
CA VAL F 215 -2.96 -17.10 -1.62
C VAL F 215 -3.92 -16.35 -2.53
N LEU F 216 -3.78 -15.03 -2.62
CA LEU F 216 -4.69 -14.23 -3.43
C LEU F 216 -4.58 -14.60 -4.90
N GLU F 217 -3.36 -14.75 -5.41
CA GLU F 217 -3.18 -15.15 -6.81
C GLU F 217 -3.98 -16.41 -7.12
N LYS F 218 -4.11 -17.31 -6.15
CA LYS F 218 -4.89 -18.52 -6.36
C LYS F 218 -6.39 -18.24 -6.27
N ILE F 219 -6.81 -17.50 -5.25
CA ILE F 219 -8.24 -17.23 -5.06
C ILE F 219 -8.78 -16.32 -6.16
N VAL F 220 -7.91 -15.52 -6.78
CA VAL F 220 -8.37 -14.63 -7.85
C VAL F 220 -8.89 -15.45 -9.03
N GLU F 221 -8.24 -16.60 -9.29
CA GLU F 221 -8.61 -17.41 -10.44
C GLU F 221 -10.08 -17.85 -10.38
N ARG F 222 -10.52 -18.31 -9.22
CA ARG F 222 -11.86 -18.88 -9.09
C ARG F 222 -12.95 -17.82 -9.02
N GLN F 223 -12.75 -16.80 -8.19
CA GLN F 223 -13.80 -15.88 -7.77
C GLN F 223 -13.95 -14.67 -8.69
N LYS F 224 -13.27 -14.67 -9.84
CA LYS F 224 -13.21 -13.50 -10.71
C LYS F 224 -14.57 -12.82 -10.86
N ASP F 225 -15.62 -13.60 -11.13
CA ASP F 225 -16.95 -13.02 -11.30
C ASP F 225 -17.40 -12.32 -10.02
N PHE F 226 -17.12 -12.93 -8.86
CA PHE F 226 -17.56 -12.36 -7.59
C PHE F 226 -16.94 -10.98 -7.37
N LEU F 227 -15.62 -10.89 -7.52
CA LEU F 227 -14.92 -9.63 -7.29
C LEU F 227 -15.30 -8.59 -8.35
N THR F 228 -15.41 -9.02 -9.61
CA THR F 228 -15.61 -8.07 -10.70
C THR F 228 -16.99 -7.46 -10.70
N GLY F 229 -18.02 -8.23 -10.42
CA GLY F 229 -19.31 -7.91 -10.98
C GLY F 229 -20.29 -9.05 -10.81
N LYS F 230 -21.14 -9.21 -11.82
CA LYS F 230 -22.36 -10.01 -11.81
C LYS F 230 -22.21 -11.38 -11.17
N GLY F 231 -21.03 -11.99 -11.28
CA GLY F 231 -20.86 -13.34 -10.76
C GLY F 231 -20.98 -13.42 -9.25
N SER F 232 -21.14 -14.65 -8.77
CA SER F 232 -21.16 -14.98 -7.35
C SER F 232 -20.08 -16.00 -7.05
N LEU F 233 -19.64 -16.03 -5.79
CA LEU F 233 -18.43 -16.74 -5.39
C LEU F 233 -18.43 -18.19 -5.86
N LYS F 234 -17.24 -18.65 -6.52
CA LYS F 234 -16.97 -20.04 -6.87
C LYS F 234 -16.29 -20.74 -5.69
N PRO F 235 -16.57 -22.02 -5.47
CA PRO F 235 -16.15 -22.68 -4.23
C PRO F 235 -14.68 -23.08 -4.11
N LEU F 236 -14.13 -22.83 -2.91
CA LEU F 236 -12.93 -23.49 -2.37
C LEU F 236 -13.21 -23.50 -0.85
N THR F 237 -12.98 -24.58 -0.11
CA THR F 237 -11.94 -25.61 -0.27
C THR F 237 -10.52 -25.14 0.04
N LEU F 238 -10.28 -24.90 1.33
CA LEU F 238 -8.93 -24.60 1.81
C LEU F 238 -7.98 -25.76 1.52
N ARG F 239 -8.45 -27.00 1.65
CA ARG F 239 -7.59 -28.15 1.42
C ARG F 239 -7.05 -28.15 -0.02
N GLU F 240 -7.85 -27.69 -0.96
CA GLU F 240 -7.41 -27.65 -2.36
C GLU F 240 -6.21 -26.70 -2.53
N VAL F 241 -6.28 -25.52 -1.92
CA VAL F 241 -5.26 -24.50 -2.16
C VAL F 241 -3.96 -24.87 -1.46
N SER F 242 -4.04 -25.33 -0.21
CA SER F 242 -2.84 -25.55 0.59
C SER F 242 -1.96 -26.68 0.04
N SER F 243 -2.48 -27.50 -0.86
CA SER F 243 -1.66 -28.50 -1.53
C SER F 243 -1.06 -27.97 -2.82
N GLU F 244 -1.43 -26.77 -3.25
CA GLU F 244 -0.82 -26.14 -4.41
C GLU F 244 0.55 -25.55 -4.10
N ILE F 245 0.75 -25.07 -2.87
CA ILE F 245 1.97 -24.43 -2.44
C ILE F 245 2.41 -25.01 -1.10
N GLY F 246 3.49 -24.46 -0.55
CA GLY F 246 4.07 -25.00 0.66
C GLY F 246 3.20 -24.85 1.89
N ILE F 247 2.31 -23.86 1.90
CA ILE F 247 1.51 -23.57 3.08
C ILE F 247 0.49 -24.69 3.28
N HIS F 248 0.20 -24.99 4.54
CA HIS F 248 -0.85 -25.94 4.89
C HIS F 248 -2.04 -25.24 5.53
N GLU F 249 -3.19 -25.90 5.46
CA GLU F 249 -4.43 -25.34 5.99
C GLU F 249 -4.31 -24.99 7.47
N SER F 250 -3.52 -25.75 8.25
CA SER F 250 -3.39 -25.42 9.66
C SER F 250 -2.84 -24.01 9.83
N THR F 251 -1.81 -23.66 9.06
CA THR F 251 -1.30 -22.30 9.05
C THR F 251 -2.14 -21.40 8.15
N LEU F 252 -2.78 -21.97 7.12
CA LEU F 252 -3.59 -21.17 6.21
C LEU F 252 -4.79 -20.55 6.92
N SER F 253 -5.39 -21.28 7.86
CA SER F 253 -6.57 -20.74 8.55
C SER F 253 -6.22 -19.48 9.33
N ARG F 254 -5.00 -19.40 9.85
CA ARG F 254 -4.58 -18.21 10.59
C ARG F 254 -4.47 -17.02 9.65
N ILE F 255 -4.08 -17.26 8.40
CA ILE F 255 -3.90 -16.16 7.46
C ILE F 255 -5.23 -15.53 7.10
N VAL F 256 -6.20 -16.37 6.69
CA VAL F 256 -7.46 -15.85 6.17
C VAL F 256 -8.29 -15.19 7.27
N ASN F 257 -8.29 -15.78 8.47
CA ASN F 257 -9.12 -15.25 9.54
C ASN F 257 -8.61 -13.90 10.03
N SER F 258 -7.29 -13.76 10.19
CA SER F 258 -6.70 -12.57 10.78
C SER F 258 -6.42 -11.47 9.77
N LYS F 259 -6.45 -11.76 8.48
CA LYS F 259 -6.13 -10.79 7.43
C LYS F 259 -7.38 -10.40 6.67
N TYR F 260 -7.51 -9.10 6.39
CA TYR F 260 -8.65 -8.56 5.67
C TYR F 260 -8.18 -7.90 4.37
N VAL F 261 -9.09 -7.86 3.39
CA VAL F 261 -8.79 -7.34 2.06
C VAL F 261 -9.93 -6.43 1.60
N LYS F 262 -9.57 -5.44 0.79
CA LYS F 262 -10.53 -4.57 0.13
C LYS F 262 -10.59 -4.91 -1.35
N THR F 263 -11.80 -4.84 -1.93
CA THR F 263 -11.97 -5.23 -3.32
C THR F 263 -12.85 -4.24 -4.07
N PRO F 264 -13.05 -4.45 -5.38
CA PRO F 264 -13.96 -3.58 -6.13
C PRO F 264 -15.41 -3.66 -5.65
N VAL F 265 -15.88 -4.85 -5.27
CA VAL F 265 -17.24 -4.98 -4.79
C VAL F 265 -17.36 -4.64 -3.31
N GLY F 266 -16.27 -4.79 -2.55
CA GLY F 266 -16.27 -4.44 -1.14
C GLY F 266 -14.95 -4.84 -0.53
N THR F 267 -14.83 -4.60 0.77
CA THR F 267 -13.66 -5.04 1.53
C THR F 267 -14.13 -6.09 2.52
N TYR F 268 -13.65 -7.32 2.33
CA TYR F 268 -14.12 -8.46 3.09
C TYR F 268 -12.94 -9.16 3.75
N SER F 269 -13.25 -9.95 4.77
CA SER F 269 -12.22 -10.76 5.39
C SER F 269 -11.83 -11.89 4.44
N LEU F 270 -10.55 -12.28 4.49
CA LEU F 270 -10.03 -13.29 3.56
C LEU F 270 -10.73 -14.64 3.68
N ARG F 271 -11.51 -14.88 4.75
CA ARG F 271 -12.23 -16.14 4.92
C ARG F 271 -13.57 -16.16 4.19
N THR F 272 -14.08 -15.02 3.75
CA THR F 272 -15.35 -15.03 3.04
C THR F 272 -15.24 -15.57 1.62
N PHE F 273 -14.03 -15.72 1.10
CA PHE F 273 -13.82 -16.21 -0.25
C PHE F 273 -13.66 -17.72 -0.34
N PHE F 274 -13.77 -18.42 0.79
CA PHE F 274 -13.65 -19.88 0.83
C PHE F 274 -14.98 -20.48 1.25
N VAL F 275 -15.56 -21.32 0.39
CA VAL F 275 -16.87 -21.89 0.61
C VAL F 275 -16.82 -23.39 0.33
N ARG F 276 -17.87 -24.09 0.71
CA ARG F 276 -17.98 -25.53 0.50
C ARG F 276 -18.94 -25.82 -0.65
N GLU F 277 -18.64 -26.90 -1.37
CA GLU F 277 -19.38 -27.28 -2.56
C GLU F 277 -20.25 -28.49 -2.24
N SER F 278 -21.52 -28.41 -2.61
CA SER F 278 -22.43 -29.55 -2.58
C SER F 278 -22.84 -29.91 -4.00
N ALA F 279 -22.91 -31.21 -4.27
CA ALA F 279 -23.32 -31.71 -5.59
C ALA F 279 -22.38 -31.16 -6.68
N GLU F 280 -21.17 -31.71 -6.67
CA GLU F 280 -20.13 -31.35 -7.63
C GLU F 280 -19.79 -29.88 -7.46
N GLY F 281 -19.91 -29.04 -8.48
CA GLY F 281 -19.34 -27.71 -8.43
C GLY F 281 -20.19 -26.61 -7.84
N LEU F 282 -21.42 -26.88 -7.45
CA LEU F 282 -22.31 -25.81 -7.02
C LEU F 282 -22.03 -25.40 -5.59
N THR F 283 -21.96 -24.10 -5.36
CA THR F 283 -21.97 -23.54 -4.02
C THR F 283 -23.39 -23.60 -3.45
N GLN F 284 -23.49 -23.56 -2.12
CA GLN F 284 -24.81 -23.53 -1.52
C GLN F 284 -25.65 -22.40 -2.10
N GLY F 285 -25.00 -21.27 -2.42
CA GLY F 285 -25.70 -20.17 -3.05
C GLY F 285 -26.11 -20.49 -4.48
N GLU F 286 -25.15 -20.90 -5.31
CA GLU F 286 -25.46 -21.22 -6.70
C GLU F 286 -26.53 -22.30 -6.81
N LEU F 287 -26.49 -23.28 -5.90
CA LEU F 287 -27.50 -24.35 -5.91
C LEU F 287 -28.87 -23.80 -5.56
N MET F 288 -28.96 -22.99 -4.51
CA MET F 288 -30.25 -22.45 -4.08
C MET F 288 -30.88 -21.59 -5.17
N LYS F 289 -30.06 -20.86 -5.94
CA LYS F 289 -30.63 -19.98 -6.96
C LYS F 289 -31.33 -20.78 -8.05
N LEU F 290 -30.82 -21.97 -8.38
CA LEU F 290 -31.49 -22.82 -9.36
C LEU F 290 -32.88 -23.20 -8.90
N ILE F 291 -32.99 -23.67 -7.65
CA ILE F 291 -34.28 -24.09 -7.11
C ILE F 291 -35.29 -22.94 -7.16
N LYS F 292 -34.89 -21.77 -6.65
CA LYS F 292 -35.80 -20.63 -6.63
C LYS F 292 -36.19 -20.20 -8.04
N GLU F 293 -35.28 -20.33 -9.00
CA GLU F 293 -35.60 -19.97 -10.38
C GLU F 293 -36.51 -21.00 -11.03
N ILE F 294 -36.30 -22.29 -10.72
CA ILE F 294 -37.13 -23.34 -11.31
C ILE F 294 -38.59 -23.15 -10.89
N VAL F 295 -38.83 -22.58 -9.72
CA VAL F 295 -40.20 -22.30 -9.30
C VAL F 295 -40.86 -21.36 -10.28
N GLU F 296 -40.07 -20.50 -10.95
CA GLU F 296 -40.62 -19.67 -12.02
C GLU F 296 -41.02 -20.53 -13.21
N ASN F 297 -40.18 -21.49 -13.58
CA ASN F 297 -40.50 -22.46 -14.62
C ASN F 297 -41.64 -23.40 -14.21
N GLU F 298 -42.06 -23.36 -12.95
CA GLU F 298 -43.13 -24.24 -12.50
C GLU F 298 -44.40 -24.02 -13.32
N ASP F 299 -45.15 -25.10 -13.51
CA ASP F 299 -46.36 -25.07 -14.32
C ASP F 299 -47.59 -24.61 -13.55
N LYS F 300 -47.52 -24.53 -12.22
CA LYS F 300 -48.72 -24.58 -11.39
C LYS F 300 -49.36 -25.91 -11.74
N ARG F 301 -50.67 -25.99 -11.96
CA ARG F 301 -51.26 -27.24 -12.42
C ARG F 301 -50.81 -28.38 -11.52
N LYS F 302 -50.04 -29.33 -12.06
CA LYS F 302 -49.34 -30.28 -11.22
C LYS F 302 -47.90 -29.81 -11.05
N PRO F 303 -47.52 -29.23 -9.91
CA PRO F 303 -46.20 -28.59 -9.80
C PRO F 303 -45.06 -29.59 -9.88
N TYR F 304 -43.87 -29.06 -10.14
CA TYR F 304 -42.68 -29.89 -10.17
C TYR F 304 -42.42 -30.51 -8.79
N SER F 305 -42.03 -31.78 -8.78
CA SER F 305 -41.80 -32.52 -7.54
C SER F 305 -40.32 -32.53 -7.19
N ASP F 306 -40.03 -32.47 -5.89
CA ASP F 306 -38.66 -32.55 -5.41
C ASP F 306 -37.89 -33.69 -6.08
N GLN F 307 -38.31 -34.92 -5.80
CA GLN F 307 -37.67 -36.09 -6.42
C GLN F 307 -37.72 -36.02 -7.94
N GLU F 308 -38.78 -35.42 -8.50
CA GLU F 308 -38.88 -35.30 -9.95
C GLU F 308 -37.83 -34.34 -10.50
N ILE F 309 -37.61 -33.22 -9.80
CA ILE F 309 -36.76 -32.16 -10.36
C ILE F 309 -35.28 -32.49 -10.22
N ALA F 310 -34.90 -33.25 -9.19
CA ALA F 310 -33.51 -33.68 -9.09
C ALA F 310 -33.07 -34.42 -10.35
N ASN F 311 -34.01 -35.08 -11.03
CA ASN F 311 -33.69 -35.70 -12.31
C ASN F 311 -33.40 -34.64 -13.37
N ILE F 312 -34.07 -33.49 -13.27
CA ILE F 312 -33.80 -32.39 -14.19
C ILE F 312 -32.38 -31.87 -13.97
N LEU F 313 -31.96 -31.78 -12.71
CA LEU F 313 -30.62 -31.28 -12.41
C LEU F 313 -29.56 -32.31 -12.79
N LYS F 314 -29.86 -33.59 -12.61
CA LYS F 314 -28.93 -34.64 -13.02
C LYS F 314 -28.57 -34.50 -14.49
N GLU F 315 -29.56 -34.18 -15.34
CA GLU F 315 -29.29 -33.94 -16.75
C GLU F 315 -28.72 -32.54 -17.00
N LYS F 316 -28.93 -31.61 -16.07
CA LYS F 316 -28.33 -30.29 -16.17
C LYS F 316 -26.84 -30.31 -15.88
N GLY F 317 -26.29 -31.45 -15.46
CA GLY F 317 -24.88 -31.58 -15.15
C GLY F 317 -24.57 -31.70 -13.67
N PHE F 318 -25.53 -31.41 -12.79
CA PHE F 318 -25.31 -31.44 -11.35
C PHE F 318 -26.02 -32.66 -10.77
N LYS F 319 -25.24 -33.62 -10.28
CA LYS F 319 -25.80 -34.81 -9.64
C LYS F 319 -26.09 -34.51 -8.18
N VAL F 320 -27.33 -34.69 -7.77
CA VAL F 320 -27.77 -34.43 -6.40
C VAL F 320 -28.78 -35.49 -6.01
N ALA F 321 -29.27 -35.40 -4.78
CA ALA F 321 -30.26 -36.33 -4.24
C ALA F 321 -31.55 -35.59 -3.91
N ARG F 322 -32.67 -36.29 -4.07
CA ARG F 322 -33.96 -35.73 -3.68
C ARG F 322 -33.93 -35.26 -2.22
N ARG F 323 -33.25 -36.03 -1.37
CA ARG F 323 -33.18 -35.66 0.04
C ARG F 323 -32.48 -34.32 0.21
N THR F 324 -31.46 -34.05 -0.60
CA THR F 324 -30.73 -32.79 -0.48
C THR F 324 -31.62 -31.60 -0.84
N VAL F 325 -32.48 -31.76 -1.85
CA VAL F 325 -33.35 -30.67 -2.24
C VAL F 325 -34.37 -30.35 -1.16
N ALA F 326 -34.67 -31.32 -0.28
CA ALA F 326 -35.63 -31.07 0.79
C ALA F 326 -35.11 -30.04 1.78
N LYS F 327 -33.79 -29.97 1.97
CA LYS F 327 -33.22 -29.01 2.92
C LYS F 327 -33.26 -27.60 2.36
N TYR F 328 -32.81 -27.42 1.11
CA TYR F 328 -32.77 -26.09 0.51
C TYR F 328 -34.13 -25.61 0.04
N ARG F 329 -35.06 -26.53 -0.25
CA ARG F 329 -36.43 -26.13 -0.52
C ARG F 329 -37.11 -25.60 0.75
N GLU F 330 -36.62 -26.01 1.92
CA GLU F 330 -37.11 -25.45 3.17
C GLU F 330 -36.46 -24.11 3.46
N MET F 331 -35.19 -23.94 3.11
CA MET F 331 -34.48 -22.70 3.41
C MET F 331 -35.17 -21.51 2.75
N LEU F 332 -35.28 -21.54 1.42
CA LEU F 332 -36.17 -20.60 0.77
C LEU F 332 -37.61 -21.10 0.90
N GLY F 333 -38.57 -20.27 0.50
CA GLY F 333 -39.96 -20.70 0.51
C GLY F 333 -40.20 -21.72 -0.58
N ILE F 334 -40.55 -22.94 -0.21
CA ILE F 334 -41.01 -23.91 -1.20
C ILE F 334 -42.45 -23.60 -1.63
N PRO F 335 -43.40 -23.59 -0.68
CA PRO F 335 -43.36 -24.22 0.65
C PRO F 335 -43.47 -25.73 0.55
N SER F 336 -44.24 -26.19 -0.43
CA SER F 336 -44.35 -27.61 -0.76
C SER F 336 -44.72 -27.74 -2.23
N SER F 337 -44.47 -28.93 -2.77
CA SER F 337 -44.77 -29.15 -4.20
C SER F 337 -46.26 -29.30 -4.43
N ARG F 338 -47.01 -29.75 -3.42
CA ARG F 338 -48.46 -29.87 -3.55
C ARG F 338 -49.13 -28.50 -3.47
N GLU F 339 -48.76 -27.71 -2.47
CA GLU F 339 -49.35 -26.40 -2.26
C GLU F 339 -48.92 -25.38 -3.31
N ARG F 340 -47.94 -25.71 -4.16
CA ARG F 340 -47.56 -24.81 -5.23
C ARG F 340 -48.71 -24.59 -6.19
N ARG F 341 -49.51 -25.63 -6.44
CA ARG F 341 -50.66 -25.52 -7.33
C ARG F 341 -51.86 -24.93 -6.58
#